data_6R65
#
_entry.id   6R65
#
_cell.length_a   113.158
_cell.length_b   152.267
_cell.length_c   153.703
_cell.angle_alpha   90.000
_cell.angle_beta   90.000
_cell.angle_gamma   90.000
#
_symmetry.space_group_name_H-M   'P 21 21 21'
#
loop_
_entity.id
_entity.type
_entity.pdbx_description
1 polymer Anoctamin-10
2 non-polymer 'CALCIUM ION'
#
_entity_poly.entity_id   1
_entity_poly.type   'polypeptide(L)'
_entity_poly.pdbx_seq_one_letter_code
;MKVTLSALDTSESSFTPLVVIELAQDVKEETKEWLKNRIIAKKKDGGAQLLFRPLLNKYEQETLENQNLYLVGASKIRML
LGAEAVGLVKECNDNTMRAFTYRTRQNFKGFDDNNDDFLTMAECQFIIKHELENLRAKDEKMIPGYPQAKLYPGKSLLRR
LLTSGIVIQVFPLHDSEALKKLEDTWYTRFALKYQPIDSIRGYFGETIALYFGFLEYFTFALIPMAVIGLPYYLFVWEDY
DKYVIFASFNLIWSTVILELWKRGCANMTYRWGTLLMKRKFEEPRPGFHGVLGINSITGKEEPLYPSYKRQLRIYLVSLP
FVCLCLYFSLYVMMIYFDMEVWALGLHENSGSEWTSVLLYVPSIIYAIVIEIMNRLYRYAAEFLTSWENHRLESAYQNHL
ILKVLVFNFLNCFASLFYIAFVLKDMKLLRQSLATLLITSQILNQIMESFLPYWLQRKHGVRVKRKVQALKADIDATLYE
QVILEKEMGTYLGTFDDYLELFLQFGYVSLFSCVYPLAAAFAVLNNFTEVNSDALKMCRVFKRPFSEPSANIGVWQLAFE
TMSVISVVTNCALIGMSPQVNAVFPESKADLILIVVAVEHALLALKFILAFAIPDKPRHIQMKLARLEFESLEALKQQQM
KLVTENLKEEPMESGKEKATAENLYFQ
;
_entity_poly.pdbx_strand_id   A,B
#
loop_
_chem_comp.id
_chem_comp.type
_chem_comp.name
_chem_comp.formula
CA non-polymer 'CALCIUM ION' 'Ca 2'
#
# COMPACT_ATOMS: atom_id res chain seq x y z
N SER A 14 -26.43 -36.20 27.48
CA SER A 14 -26.50 -34.92 26.79
C SER A 14 -25.08 -34.35 26.57
N PHE A 15 -24.97 -33.25 25.82
CA PHE A 15 -23.70 -32.62 25.43
C PHE A 15 -23.22 -31.50 26.39
N THR A 16 -22.07 -30.89 26.06
CA THR A 16 -21.50 -29.77 26.80
C THR A 16 -22.10 -28.50 26.20
N PRO A 17 -22.91 -27.72 26.97
CA PRO A 17 -23.54 -26.53 26.38
C PRO A 17 -22.53 -25.43 26.16
N LEU A 18 -22.53 -24.83 24.95
CA LEU A 18 -21.58 -23.78 24.59
C LEU A 18 -22.27 -22.45 24.25
N VAL A 19 -23.33 -22.48 23.41
CA VAL A 19 -24.05 -21.27 22.97
C VAL A 19 -25.53 -21.39 23.38
N VAL A 20 -26.13 -20.27 23.83
CA VAL A 20 -27.53 -20.21 24.27
C VAL A 20 -28.34 -19.38 23.27
N ILE A 21 -29.55 -19.87 22.92
CA ILE A 21 -30.50 -19.17 22.05
C ILE A 21 -31.76 -18.91 22.88
N GLU A 22 -32.16 -17.63 22.98
CA GLU A 22 -33.36 -17.25 23.70
C GLU A 22 -34.44 -16.83 22.72
N LEU A 23 -35.60 -17.46 22.80
CA LEU A 23 -36.73 -17.16 21.92
C LEU A 23 -37.75 -16.28 22.66
N ALA A 24 -38.59 -15.54 21.90
CA ALA A 24 -39.61 -14.63 22.42
C ALA A 24 -40.65 -15.35 23.28
N GLN A 25 -41.32 -14.55 24.13
CA GLN A 25 -42.37 -14.86 25.09
C GLN A 25 -43.23 -16.09 24.71
N ASP A 26 -43.94 -16.01 23.57
CA ASP A 26 -44.85 -17.07 23.15
C ASP A 26 -44.61 -17.47 21.68
N VAL A 27 -43.45 -18.09 21.41
CA VAL A 27 -43.10 -18.56 20.06
C VAL A 27 -43.83 -19.88 19.79
N LYS A 28 -44.44 -20.02 18.59
CA LYS A 28 -45.18 -21.22 18.15
C LYS A 28 -44.29 -22.45 18.08
N GLU A 29 -44.87 -23.65 18.35
CA GLU A 29 -44.16 -24.93 18.32
C GLU A 29 -43.66 -25.25 16.92
N GLU A 30 -44.42 -24.81 15.88
CA GLU A 30 -44.11 -24.94 14.46
C GLU A 30 -42.75 -24.32 14.16
N THR A 31 -42.51 -23.12 14.73
CA THR A 31 -41.28 -22.33 14.59
C THR A 31 -40.13 -23.01 15.34
N LYS A 32 -40.38 -23.41 16.61
CA LYS A 32 -39.42 -24.06 17.52
C LYS A 32 -38.84 -25.34 16.92
N GLU A 33 -39.72 -26.22 16.39
CA GLU A 33 -39.31 -27.49 15.78
C GLU A 33 -38.56 -27.26 14.48
N TRP A 34 -38.97 -26.25 13.69
CA TRP A 34 -38.35 -25.89 12.42
C TRP A 34 -36.94 -25.38 12.66
N LEU A 35 -36.75 -24.53 13.69
CA LEU A 35 -35.45 -23.98 14.08
C LEU A 35 -34.54 -25.10 14.58
N LYS A 36 -35.11 -26.05 15.37
CA LYS A 36 -34.41 -27.22 15.90
C LYS A 36 -33.86 -28.09 14.76
N ASN A 37 -34.72 -28.33 13.73
CA ASN A 37 -34.42 -29.15 12.55
C ASN A 37 -33.24 -28.59 11.76
N ARG A 38 -33.23 -27.26 11.49
CA ARG A 38 -32.16 -26.60 10.73
C ARG A 38 -30.82 -26.61 11.49
N ILE A 39 -30.85 -26.55 12.83
CA ILE A 39 -29.65 -26.56 13.68
C ILE A 39 -29.14 -28.01 13.86
N ILE A 40 -30.00 -29.03 13.66
CA ILE A 40 -29.57 -30.42 13.85
C ILE A 40 -29.23 -31.13 12.50
N ALA A 41 -30.06 -30.94 11.43
CA ALA A 41 -29.90 -31.57 10.10
C ALA A 41 -28.52 -31.37 9.50
N LYS A 42 -28.00 -32.41 8.80
CA LYS A 42 -26.68 -32.41 8.16
C LYS A 42 -26.56 -31.32 7.09
N LYS A 43 -25.33 -30.79 6.91
CA LYS A 43 -25.00 -29.71 5.97
C LYS A 43 -25.36 -30.06 4.52
N LYS A 44 -25.35 -31.37 4.15
CA LYS A 44 -25.70 -31.88 2.84
C LYS A 44 -27.16 -31.53 2.48
N ASP A 45 -28.07 -31.59 3.49
CA ASP A 45 -29.49 -31.29 3.36
C ASP A 45 -29.79 -29.81 3.64
N GLY A 46 -28.76 -29.02 3.93
CA GLY A 46 -28.88 -27.61 4.25
C GLY A 46 -29.17 -27.41 5.72
N GLY A 47 -28.28 -26.69 6.39
CA GLY A 47 -28.37 -26.42 7.81
C GLY A 47 -27.22 -27.01 8.58
N ALA A 48 -26.77 -26.30 9.64
CA ALA A 48 -25.65 -26.69 10.51
C ALA A 48 -25.88 -28.07 11.15
N GLN A 49 -24.80 -28.87 11.24
CA GLN A 49 -24.83 -30.23 11.79
C GLN A 49 -24.50 -30.19 13.30
N LEU A 50 -25.13 -29.26 14.03
CA LEU A 50 -24.93 -29.06 15.47
C LEU A 50 -25.92 -29.89 16.31
N LEU A 51 -25.87 -29.73 17.64
CA LEU A 51 -26.73 -30.41 18.61
C LEU A 51 -27.62 -29.37 19.32
N PHE A 52 -28.92 -29.67 19.44
CA PHE A 52 -29.92 -28.78 20.03
C PHE A 52 -30.70 -29.46 21.15
N ARG A 53 -30.83 -28.78 22.31
CA ARG A 53 -31.52 -29.28 23.49
C ARG A 53 -32.02 -28.10 24.37
N PRO A 54 -33.21 -28.20 25.01
CA PRO A 54 -33.69 -27.09 25.88
C PRO A 54 -32.90 -27.01 27.18
N LEU A 55 -32.88 -25.81 27.81
CA LEU A 55 -32.17 -25.58 29.08
C LEU A 55 -32.61 -26.59 30.15
N LEU A 56 -33.92 -26.86 30.24
CA LEU A 56 -34.44 -27.81 31.19
C LEU A 56 -35.04 -29.02 30.50
N ASN A 57 -34.77 -30.19 31.10
CA ASN A 57 -35.29 -31.50 30.69
C ASN A 57 -36.76 -31.59 31.08
N LYS A 58 -37.49 -32.59 30.54
CA LYS A 58 -38.91 -32.82 30.80
C LYS A 58 -39.20 -32.99 32.31
N TYR A 59 -38.28 -33.69 33.03
CA TYR A 59 -38.37 -33.97 34.47
C TYR A 59 -38.27 -32.70 35.32
N GLU A 60 -37.29 -31.80 35.02
CA GLU A 60 -37.12 -30.55 35.78
C GLU A 60 -38.05 -29.45 35.28
N GLN A 61 -38.80 -29.70 34.18
CA GLN A 61 -39.77 -28.74 33.68
C GLN A 61 -41.09 -28.82 34.47
N GLU A 62 -41.17 -29.79 35.42
CA GLU A 62 -42.29 -29.99 36.34
C GLU A 62 -42.39 -28.79 37.29
N THR A 63 -41.23 -28.24 37.71
CA THR A 63 -41.13 -27.05 38.57
C THR A 63 -40.64 -25.87 37.70
N LEU A 64 -39.32 -25.77 37.41
CA LEU A 64 -38.77 -24.68 36.60
C LEU A 64 -39.10 -24.85 35.13
N GLU A 65 -40.03 -24.01 34.65
CA GLU A 65 -40.45 -24.00 33.25
C GLU A 65 -39.36 -23.36 32.40
N ASN A 66 -38.99 -23.99 31.28
CA ASN A 66 -37.98 -23.47 30.36
C ASN A 66 -38.55 -22.26 29.60
N GLN A 67 -38.04 -21.06 29.92
CA GLN A 67 -38.50 -19.77 29.35
C GLN A 67 -37.96 -19.56 27.93
N ASN A 68 -38.16 -20.58 27.07
CA ASN A 68 -37.74 -20.65 25.66
C ASN A 68 -36.22 -20.38 25.53
N LEU A 69 -35.43 -21.00 26.43
CA LEU A 69 -33.97 -20.94 26.44
C LEU A 69 -33.43 -22.28 25.94
N TYR A 70 -32.59 -22.26 24.91
CA TYR A 70 -32.09 -23.50 24.31
C TYR A 70 -30.57 -23.50 24.23
N LEU A 71 -29.97 -24.67 24.49
CA LEU A 71 -28.51 -24.88 24.49
C LEU A 71 -28.05 -25.54 23.20
N VAL A 72 -26.93 -25.06 22.65
CA VAL A 72 -26.35 -25.55 21.38
C VAL A 72 -24.89 -26.01 21.62
N GLY A 73 -24.57 -27.18 21.08
CA GLY A 73 -23.24 -27.80 21.12
C GLY A 73 -22.97 -28.54 19.83
N ALA A 74 -21.88 -29.34 19.78
CA ALA A 74 -21.50 -30.12 18.60
C ALA A 74 -20.56 -31.28 18.96
N SER A 75 -20.41 -32.24 18.01
CA SER A 75 -19.53 -33.40 18.14
C SER A 75 -18.08 -32.96 18.06
N LYS A 76 -17.15 -33.79 18.57
CA LYS A 76 -15.72 -33.50 18.52
C LYS A 76 -15.24 -33.43 17.07
N ILE A 77 -15.73 -34.37 16.21
CA ILE A 77 -15.43 -34.44 14.78
C ILE A 77 -16.03 -33.23 14.09
N ARG A 78 -17.31 -32.90 14.43
CA ARG A 78 -18.05 -31.77 13.85
C ARG A 78 -17.33 -30.45 14.12
N MET A 79 -16.81 -30.27 15.34
CA MET A 79 -16.07 -29.08 15.76
C MET A 79 -14.80 -28.90 14.94
N LEU A 80 -14.08 -30.00 14.68
CA LEU A 80 -12.85 -30.01 13.90
C LEU A 80 -13.14 -29.68 12.43
N LEU A 81 -14.27 -30.20 11.90
CA LEU A 81 -14.71 -29.93 10.53
C LEU A 81 -15.15 -28.47 10.39
N GLY A 82 -15.71 -27.92 11.47
CA GLY A 82 -16.14 -26.53 11.55
C GLY A 82 -14.95 -25.59 11.66
N ALA A 83 -13.85 -26.07 12.30
CA ALA A 83 -12.59 -25.33 12.47
C ALA A 83 -11.88 -25.18 11.13
N GLU A 84 -12.04 -26.18 10.24
CA GLU A 84 -11.49 -26.20 8.88
C GLU A 84 -12.27 -25.19 8.00
N ALA A 85 -13.60 -25.15 8.18
CA ALA A 85 -14.57 -24.29 7.48
C ALA A 85 -14.29 -22.81 7.70
N VAL A 86 -13.99 -22.40 8.95
CA VAL A 86 -13.67 -21.02 9.32
C VAL A 86 -12.21 -20.69 8.96
N GLY A 87 -11.39 -21.74 8.79
CA GLY A 87 -9.99 -21.65 8.41
C GLY A 87 -9.08 -21.22 9.54
N LEU A 88 -9.15 -21.90 10.69
CA LEU A 88 -8.31 -21.60 11.86
C LEU A 88 -6.88 -22.06 11.59
N VAL A 89 -5.92 -21.15 11.74
CA VAL A 89 -4.50 -21.44 11.49
C VAL A 89 -3.85 -21.85 12.83
N LYS A 90 -3.27 -23.06 12.86
CA LYS A 90 -2.59 -23.63 14.03
C LYS A 90 -1.16 -24.05 13.67
N GLU A 91 -0.27 -24.13 14.69
CA GLU A 91 1.13 -24.50 14.49
C GLU A 91 1.28 -25.99 14.23
N CYS A 92 2.11 -26.35 13.24
CA CYS A 92 2.40 -27.74 12.88
C CYS A 92 3.63 -28.23 13.64
N ASN A 93 3.98 -29.52 13.47
CA ASN A 93 5.13 -30.14 14.13
C ASN A 93 6.46 -29.60 13.58
N ASP A 94 6.47 -29.04 12.34
CA ASP A 94 7.66 -28.46 11.73
C ASP A 94 7.74 -26.94 12.03
N ASN A 95 7.02 -26.48 13.09
CA ASN A 95 6.93 -25.11 13.62
C ASN A 95 6.33 -24.09 12.61
N THR A 96 5.72 -24.58 11.49
CA THR A 96 5.08 -23.71 10.50
C THR A 96 3.58 -23.56 10.82
N MET A 97 3.03 -22.37 10.57
CA MET A 97 1.61 -22.08 10.83
C MET A 97 0.80 -22.33 9.56
N ARG A 98 -0.12 -23.30 9.61
CA ARG A 98 -0.97 -23.66 8.49
C ARG A 98 -2.44 -23.76 8.92
N ALA A 99 -3.37 -23.56 7.96
CA ALA A 99 -4.82 -23.65 8.21
C ALA A 99 -5.20 -25.10 8.50
N PHE A 100 -6.03 -25.32 9.52
CA PHE A 100 -6.44 -26.65 9.95
C PHE A 100 -7.31 -27.34 8.91
N THR A 101 -7.07 -28.66 8.79
CA THR A 101 -7.77 -29.62 7.92
C THR A 101 -7.92 -30.92 8.71
N TYR A 102 -9.12 -31.52 8.69
CA TYR A 102 -9.39 -32.77 9.41
C TYR A 102 -8.52 -33.93 8.89
N ARG A 103 -8.20 -33.93 7.59
CA ARG A 103 -7.37 -34.97 6.98
C ARG A 103 -5.90 -34.86 7.44
N THR A 104 -5.45 -33.63 7.76
CA THR A 104 -4.08 -33.34 8.19
C THR A 104 -4.00 -32.99 9.68
N ARG A 105 -4.97 -33.46 10.50
CA ARG A 105 -5.08 -33.17 11.93
C ARG A 105 -3.87 -33.65 12.78
N GLN A 106 -3.21 -34.75 12.37
CA GLN A 106 -2.09 -35.34 13.10
C GLN A 106 -0.79 -34.52 12.97
N ASN A 107 -0.66 -33.72 11.89
CA ASN A 107 0.52 -32.89 11.64
C ASN A 107 0.58 -31.63 12.52
N PHE A 108 -0.55 -31.25 13.18
CA PHE A 108 -0.64 -30.07 14.04
C PHE A 108 -0.12 -30.37 15.45
N LYS A 109 0.77 -29.49 15.96
CA LYS A 109 1.48 -29.61 17.24
C LYS A 109 0.60 -29.75 18.49
N GLY A 110 -0.52 -29.02 18.56
CA GLY A 110 -1.43 -29.05 19.72
C GLY A 110 -2.24 -30.32 19.89
N PHE A 111 -2.44 -31.06 18.78
CA PHE A 111 -3.23 -32.29 18.68
C PHE A 111 -2.53 -33.49 19.33
N ASP A 117 -8.93 -31.01 23.90
CA ASP A 117 -8.24 -29.83 24.44
C ASP A 117 -7.57 -28.96 23.34
N PHE A 118 -7.64 -29.41 22.07
CA PHE A 118 -7.03 -28.77 20.90
C PHE A 118 -7.65 -27.39 20.59
N LEU A 119 -8.98 -27.33 20.41
CA LEU A 119 -9.71 -26.09 20.16
C LEU A 119 -10.21 -25.52 21.49
N THR A 120 -10.05 -24.20 21.70
CA THR A 120 -10.52 -23.55 22.93
C THR A 120 -12.04 -23.40 22.91
N MET A 121 -12.66 -23.11 24.07
CA MET A 121 -14.12 -22.91 24.19
C MET A 121 -14.55 -21.71 23.35
N ALA A 122 -13.71 -20.65 23.34
CA ALA A 122 -13.92 -19.42 22.57
C ALA A 122 -13.95 -19.71 21.06
N GLU A 123 -13.01 -20.57 20.58
CA GLU A 123 -12.93 -21.00 19.18
C GLU A 123 -14.17 -21.81 18.82
N CYS A 124 -14.56 -22.75 19.71
CA CYS A 124 -15.72 -23.63 19.58
C CYS A 124 -17.01 -22.83 19.43
N GLN A 125 -17.22 -21.82 20.31
CA GLN A 125 -18.39 -20.95 20.31
C GLN A 125 -18.43 -20.05 19.07
N PHE A 126 -17.25 -19.66 18.53
CA PHE A 126 -17.14 -18.86 17.31
C PHE A 126 -17.60 -19.66 16.11
N ILE A 127 -17.19 -20.95 16.03
CA ILE A 127 -17.53 -21.88 14.95
C ILE A 127 -19.06 -22.11 14.95
N ILE A 128 -19.66 -22.32 16.14
CA ILE A 128 -21.11 -22.52 16.29
C ILE A 128 -21.84 -21.26 15.81
N LYS A 129 -21.37 -20.05 16.22
CA LYS A 129 -21.93 -18.76 15.81
C LYS A 129 -21.88 -18.62 14.29
N HIS A 130 -20.73 -18.96 13.69
CA HIS A 130 -20.47 -18.92 12.25
C HIS A 130 -21.45 -19.81 11.49
N GLU A 131 -21.72 -21.02 12.00
CA GLU A 131 -22.63 -21.98 11.36
C GLU A 131 -24.09 -21.53 11.47
N LEU A 132 -24.49 -20.93 12.62
CA LEU A 132 -25.83 -20.39 12.84
C LEU A 132 -26.09 -19.16 11.96
N GLU A 133 -25.04 -18.34 11.74
CA GLU A 133 -25.09 -17.13 10.90
C GLU A 133 -25.22 -17.48 9.41
N ASN A 134 -24.66 -18.64 9.01
CA ASN A 134 -24.67 -19.09 7.62
C ASN A 134 -25.83 -20.06 7.33
N LEU A 135 -26.83 -20.10 8.23
CA LEU A 135 -28.06 -20.86 8.06
C LEU A 135 -28.94 -20.06 7.13
N ARG A 136 -29.11 -20.51 5.86
CA ARG A 136 -29.86 -19.74 4.87
C ARG A 136 -31.12 -20.46 4.41
N ALA A 137 -32.17 -19.69 4.12
CA ALA A 137 -33.47 -20.18 3.65
C ALA A 137 -33.34 -20.84 2.28
N LYS A 138 -33.95 -22.02 2.12
CA LYS A 138 -33.91 -22.77 0.86
C LYS A 138 -35.19 -22.51 0.06
N ASP A 139 -36.27 -23.27 0.35
CA ASP A 139 -37.56 -23.13 -0.34
C ASP A 139 -38.60 -22.37 0.50
N GLU A 140 -38.29 -22.08 1.80
CA GLU A 140 -39.20 -21.37 2.71
C GLU A 140 -39.47 -19.95 2.23
N LYS A 141 -40.76 -19.60 2.10
CA LYS A 141 -41.22 -18.29 1.64
C LYS A 141 -41.52 -17.35 2.84
N MET A 142 -41.42 -17.91 4.08
CA MET A 142 -41.63 -17.22 5.37
C MET A 142 -41.11 -18.09 6.51
N ILE A 143 -40.98 -17.51 7.73
CA ILE A 143 -40.61 -18.27 8.92
C ILE A 143 -41.88 -19.04 9.33
N PRO A 144 -41.86 -20.39 9.37
CA PRO A 144 -43.09 -21.15 9.70
C PRO A 144 -43.78 -20.66 10.97
N GLY A 145 -45.09 -20.37 10.83
CA GLY A 145 -45.93 -19.87 11.91
C GLY A 145 -46.05 -18.35 11.94
N TYR A 146 -45.11 -17.64 11.27
CA TYR A 146 -45.09 -16.19 11.23
C TYR A 146 -45.04 -15.70 9.76
N PRO A 147 -46.23 -15.49 9.13
CA PRO A 147 -46.26 -15.07 7.72
C PRO A 147 -45.65 -13.69 7.47
N GLN A 148 -45.69 -12.80 8.49
CA GLN A 148 -45.12 -11.44 8.44
C GLN A 148 -43.60 -11.47 8.23
N ALA A 149 -42.92 -12.45 8.86
CA ALA A 149 -41.48 -12.66 8.75
C ALA A 149 -41.17 -13.47 7.49
N LYS A 150 -41.31 -12.82 6.33
CA LYS A 150 -41.10 -13.41 5.00
C LYS A 150 -39.64 -13.81 4.78
N LEU A 151 -39.42 -14.84 3.96
CA LEU A 151 -38.10 -15.35 3.60
C LEU A 151 -37.98 -15.53 2.09
N TYR A 152 -36.74 -15.55 1.59
CA TYR A 152 -36.42 -15.75 0.18
C TYR A 152 -35.16 -16.63 0.08
N PRO A 153 -34.92 -17.35 -1.05
CA PRO A 153 -33.72 -18.19 -1.11
C PRO A 153 -32.43 -17.38 -0.96
N GLY A 154 -31.62 -17.79 0.01
CA GLY A 154 -30.35 -17.16 0.34
C GLY A 154 -30.34 -16.31 1.59
N LYS A 155 -31.53 -15.92 2.09
CA LYS A 155 -31.67 -15.07 3.28
C LYS A 155 -31.25 -15.82 4.56
N SER A 156 -30.39 -15.16 5.36
CA SER A 156 -29.88 -15.65 6.65
C SER A 156 -31.04 -15.81 7.62
N LEU A 157 -31.23 -17.03 8.13
CA LEU A 157 -32.32 -17.38 9.05
C LEU A 157 -32.15 -16.64 10.38
N LEU A 158 -30.92 -16.68 10.96
CA LEU A 158 -30.60 -16.01 12.22
C LEU A 158 -30.90 -14.51 12.16
N ARG A 159 -30.61 -13.85 11.02
CA ARG A 159 -30.87 -12.43 10.82
C ARG A 159 -32.38 -12.17 10.83
N ARG A 160 -33.15 -12.92 10.01
CA ARG A 160 -34.61 -12.77 9.92
C ARG A 160 -35.28 -13.08 11.25
N LEU A 161 -34.76 -14.06 12.02
CA LEU A 161 -35.27 -14.43 13.34
C LEU A 161 -35.05 -13.29 14.35
N LEU A 162 -33.86 -12.64 14.28
CA LEU A 162 -33.52 -11.51 15.15
C LEU A 162 -34.28 -10.23 14.77
N THR A 163 -34.46 -9.97 13.45
CA THR A 163 -35.15 -8.79 12.91
C THR A 163 -36.64 -8.82 13.27
N SER A 164 -37.31 -9.97 13.06
CA SER A 164 -38.71 -10.19 13.37
C SER A 164 -38.99 -10.18 14.87
N GLY A 165 -38.00 -10.60 15.65
CA GLY A 165 -38.06 -10.65 17.11
C GLY A 165 -38.39 -12.02 17.67
N ILE A 166 -38.39 -13.07 16.82
CA ILE A 166 -38.67 -14.45 17.21
C ILE A 166 -37.54 -14.94 18.13
N VAL A 167 -36.28 -14.65 17.74
CA VAL A 167 -35.09 -14.95 18.54
C VAL A 167 -34.67 -13.62 19.19
N ILE A 168 -34.70 -13.57 20.53
CA ILE A 168 -34.32 -12.38 21.29
C ILE A 168 -32.80 -12.17 21.21
N GLN A 169 -32.02 -13.21 21.55
CA GLN A 169 -30.56 -13.15 21.53
C GLN A 169 -29.89 -14.52 21.43
N VAL A 170 -28.64 -14.52 20.94
CA VAL A 170 -27.75 -15.68 20.80
C VAL A 170 -26.42 -15.26 21.43
N PHE A 171 -25.96 -15.99 22.45
CA PHE A 171 -24.74 -15.62 23.18
C PHE A 171 -23.93 -16.84 23.66
N PRO A 172 -22.59 -16.74 23.74
CA PRO A 172 -21.80 -17.87 24.26
C PRO A 172 -21.79 -17.90 25.79
N LEU A 173 -21.68 -19.12 26.36
CA LEU A 173 -21.66 -19.33 27.81
C LEU A 173 -20.27 -19.17 28.39
N HIS A 174 -20.19 -18.56 29.58
CA HIS A 174 -18.95 -18.37 30.33
C HIS A 174 -18.50 -19.68 30.96
N ASP A 175 -17.17 -19.89 31.04
CA ASP A 175 -16.61 -21.05 31.72
C ASP A 175 -16.07 -20.53 33.06
N SER A 176 -16.95 -20.53 34.09
CA SER A 176 -16.73 -20.05 35.45
C SER A 176 -15.36 -20.42 36.03
N GLU A 177 -14.98 -21.72 35.95
CA GLU A 177 -13.69 -22.23 36.46
C GLU A 177 -12.50 -21.65 35.67
N ALA A 178 -12.60 -21.57 34.33
CA ALA A 178 -11.56 -21.02 33.47
C ALA A 178 -11.41 -19.50 33.66
N LEU A 179 -12.54 -18.79 33.80
CA LEU A 179 -12.60 -17.35 34.00
C LEU A 179 -11.97 -16.95 35.32
N LYS A 180 -12.20 -17.75 36.40
CA LYS A 180 -11.64 -17.52 37.73
C LYS A 180 -10.12 -17.72 37.73
N LYS A 181 -9.61 -18.69 36.94
CA LYS A 181 -8.18 -18.98 36.80
C LYS A 181 -7.46 -17.81 36.10
N LEU A 182 -8.10 -17.24 35.05
CA LEU A 182 -7.60 -16.11 34.28
C LEU A 182 -7.59 -14.84 35.14
N GLU A 183 -8.68 -14.63 35.93
CA GLU A 183 -8.88 -13.50 36.83
C GLU A 183 -7.71 -13.27 37.78
N ASP A 184 -7.23 -14.35 38.42
CA ASP A 184 -6.13 -14.32 39.39
C ASP A 184 -4.79 -13.96 38.75
N THR A 185 -4.61 -14.27 37.45
CA THR A 185 -3.38 -13.97 36.71
C THR A 185 -3.52 -12.61 35.98
N TRP A 186 -4.74 -12.04 35.94
CA TRP A 186 -5.04 -10.82 35.21
C TRP A 186 -4.91 -9.51 36.02
N TYR A 187 -5.76 -9.28 37.05
CA TYR A 187 -5.82 -7.99 37.76
C TYR A 187 -4.45 -7.51 38.34
N THR A 188 -4.03 -8.02 39.54
CA THR A 188 -2.81 -7.69 40.30
C THR A 188 -1.85 -6.71 39.60
N LEU A 192 2.56 -7.98 41.00
CA LEU A 192 2.57 -7.14 39.81
C LEU A 192 3.49 -7.74 38.73
N LYS A 193 2.98 -7.87 37.49
CA LYS A 193 3.69 -8.46 36.34
C LYS A 193 3.03 -8.06 34.99
N TYR A 194 3.54 -8.63 33.87
CA TYR A 194 3.05 -8.43 32.50
C TYR A 194 1.68 -9.08 32.31
N GLN A 195 0.79 -8.44 31.53
CA GLN A 195 -0.56 -8.94 31.25
C GLN A 195 -0.54 -10.29 30.50
N PRO A 196 -1.42 -11.25 30.87
CA PRO A 196 -1.41 -12.55 30.17
C PRO A 196 -2.29 -12.50 28.91
N ILE A 197 -1.78 -11.83 27.86
CA ILE A 197 -2.46 -11.61 26.57
C ILE A 197 -2.83 -12.96 25.89
N ASP A 198 -1.97 -13.99 25.99
CA ASP A 198 -2.24 -15.31 25.42
C ASP A 198 -3.38 -16.02 26.15
N SER A 199 -3.53 -15.75 27.47
CA SER A 199 -4.61 -16.31 28.30
C SER A 199 -5.93 -15.59 28.00
N ILE A 200 -5.90 -14.25 27.76
CA ILE A 200 -7.07 -13.42 27.40
C ILE A 200 -7.58 -13.87 26.03
N ARG A 201 -6.64 -14.18 25.10
CA ARG A 201 -6.89 -14.67 23.74
C ARG A 201 -7.65 -15.99 23.77
N GLY A 202 -7.20 -16.90 24.63
CA GLY A 202 -7.80 -18.22 24.82
C GLY A 202 -9.21 -18.20 25.34
N TYR A 203 -9.58 -17.17 26.12
CA TYR A 203 -10.92 -17.07 26.70
C TYR A 203 -11.84 -16.13 25.91
N PHE A 204 -11.38 -14.91 25.59
CA PHE A 204 -12.22 -13.89 24.94
C PHE A 204 -12.05 -13.78 23.42
N GLY A 205 -10.88 -14.14 22.91
CA GLY A 205 -10.62 -14.08 21.48
C GLY A 205 -9.53 -13.11 21.08
N GLU A 206 -9.22 -13.08 19.77
CA GLU A 206 -8.18 -12.24 19.19
C GLU A 206 -8.48 -10.74 19.30
N THR A 207 -9.75 -10.32 19.13
CA THR A 207 -10.17 -8.92 19.17
C THR A 207 -10.00 -8.31 20.57
N ILE A 208 -10.52 -8.99 21.61
CA ILE A 208 -10.45 -8.51 23.00
C ILE A 208 -8.99 -8.56 23.49
N ALA A 209 -8.25 -9.66 23.20
CA ALA A 209 -6.83 -9.78 23.60
C ALA A 209 -5.96 -8.73 22.91
N LEU A 210 -6.31 -8.36 21.67
CA LEU A 210 -5.61 -7.33 20.88
C LEU A 210 -5.78 -5.98 21.56
N TYR A 211 -6.97 -5.71 22.13
CA TYR A 211 -7.24 -4.47 22.85
C TYR A 211 -6.37 -4.39 24.10
N PHE A 212 -6.36 -5.46 24.93
CA PHE A 212 -5.58 -5.51 26.16
C PHE A 212 -4.08 -5.56 25.85
N GLY A 213 -3.72 -6.03 24.66
CA GLY A 213 -2.35 -6.07 24.16
C GLY A 213 -1.90 -4.68 23.78
N PHE A 214 -2.82 -3.90 23.14
CA PHE A 214 -2.58 -2.52 22.72
C PHE A 214 -2.58 -1.60 23.94
N LEU A 215 -3.48 -1.84 24.91
CA LEU A 215 -3.59 -1.05 26.14
C LEU A 215 -2.29 -1.15 26.93
N GLU A 216 -1.77 -2.39 27.13
CA GLU A 216 -0.50 -2.65 27.83
C GLU A 216 0.66 -1.97 27.11
N TYR A 217 0.67 -2.04 25.76
CA TYR A 217 1.71 -1.44 24.93
C TYR A 217 1.69 0.09 25.01
N PHE A 218 0.51 0.71 24.78
CA PHE A 218 0.29 2.14 24.80
C PHE A 218 0.65 2.76 26.16
N THR A 219 0.38 2.04 27.28
CA THR A 219 0.72 2.48 28.63
C THR A 219 2.24 2.58 28.76
N PHE A 220 2.98 1.56 28.26
CA PHE A 220 4.45 1.54 28.28
C PHE A 220 5.01 2.59 27.33
N ALA A 221 4.35 2.78 26.16
CA ALA A 221 4.73 3.75 25.15
C ALA A 221 4.63 5.18 25.68
N LEU A 222 3.62 5.46 26.51
CA LEU A 222 3.40 6.78 27.11
C LEU A 222 4.40 7.12 28.22
N ILE A 223 5.01 6.09 28.87
CA ILE A 223 5.98 6.25 29.96
C ILE A 223 7.13 7.22 29.57
N PRO A 224 7.85 7.11 28.42
CA PRO A 224 8.89 8.13 28.12
C PRO A 224 8.35 9.56 28.13
N MET A 225 7.19 9.80 27.48
CA MET A 225 6.53 11.10 27.42
C MET A 225 6.08 11.61 28.80
N ALA A 226 5.76 10.68 29.73
CA ALA A 226 5.37 11.01 31.10
C ALA A 226 6.59 11.45 31.92
N VAL A 227 7.74 10.77 31.70
CA VAL A 227 9.01 11.05 32.40
C VAL A 227 9.63 12.35 31.84
N ILE A 228 9.64 12.54 30.49
CA ILE A 228 10.19 13.74 29.84
C ILE A 228 9.35 14.98 30.19
N GLY A 229 8.03 14.84 30.18
CA GLY A 229 7.09 15.92 30.50
C GLY A 229 7.00 16.34 31.94
N LEU A 230 7.40 15.44 32.87
CA LEU A 230 7.35 15.69 34.33
C LEU A 230 8.22 16.92 34.76
N PRO A 231 9.54 17.06 34.41
CA PRO A 231 10.28 18.26 34.85
C PRO A 231 9.84 19.56 34.18
N TYR A 232 9.07 19.49 33.07
CA TYR A 232 8.55 20.66 32.35
C TYR A 232 7.49 21.37 33.17
N TYR A 233 6.76 20.62 34.02
CA TYR A 233 5.73 21.13 34.90
C TYR A 233 6.37 21.54 36.25
N LEU A 234 7.15 20.63 36.86
CA LEU A 234 7.81 20.79 38.16
C LEU A 234 8.74 22.02 38.22
N PHE A 235 9.58 22.24 37.20
CA PHE A 235 10.53 23.36 37.17
C PHE A 235 10.04 24.53 36.30
N VAL A 236 8.84 24.39 35.69
CA VAL A 236 8.15 25.36 34.82
C VAL A 236 9.13 25.80 33.70
N TRP A 237 9.39 24.87 32.77
CA TRP A 237 10.27 25.08 31.62
C TRP A 237 9.45 25.68 30.47
N GLU A 238 9.50 27.02 30.32
CA GLU A 238 8.75 27.76 29.30
C GLU A 238 9.71 28.55 28.37
N ASP A 239 10.72 27.85 27.83
CA ASP A 239 11.75 28.40 26.93
C ASP A 239 11.59 27.87 25.51
N TYR A 240 12.15 28.60 24.51
CA TYR A 240 12.11 28.20 23.09
C TYR A 240 12.81 26.85 22.92
N ASP A 241 14.10 26.76 23.34
CA ASP A 241 14.94 25.56 23.26
C ASP A 241 14.26 24.36 23.92
N LYS A 242 13.75 24.56 25.16
CA LYS A 242 13.07 23.52 25.94
C LYS A 242 11.79 23.01 25.24
N TYR A 243 10.98 23.92 24.65
CA TYR A 243 9.75 23.55 23.96
C TYR A 243 10.05 22.81 22.66
N VAL A 244 11.08 23.25 21.90
CA VAL A 244 11.51 22.65 20.62
C VAL A 244 11.99 21.21 20.86
N ILE A 245 12.82 20.99 21.91
CA ILE A 245 13.36 19.67 22.28
C ILE A 245 12.20 18.69 22.57
N PHE A 246 11.23 19.12 23.41
CA PHE A 246 10.07 18.31 23.80
C PHE A 246 9.18 17.98 22.60
N ALA A 247 8.85 18.99 21.77
CA ALA A 247 8.02 18.84 20.58
C ALA A 247 8.71 17.96 19.52
N SER A 248 10.05 18.07 19.37
CA SER A 248 10.83 17.25 18.44
C SER A 248 10.77 15.80 18.87
N PHE A 249 10.94 15.53 20.19
CA PHE A 249 10.87 14.21 20.78
C PHE A 249 9.46 13.64 20.62
N ASN A 250 8.42 14.48 20.83
CA ASN A 250 7.00 14.15 20.70
C ASN A 250 6.66 13.63 19.30
N LEU A 251 7.13 14.33 18.25
CA LEU A 251 6.89 13.97 16.85
C LEU A 251 7.61 12.70 16.43
N ILE A 252 8.81 12.45 16.99
CA ILE A 252 9.59 11.23 16.72
C ILE A 252 8.89 10.07 17.44
N TRP A 253 8.51 10.27 18.72
CA TRP A 253 7.82 9.31 19.59
C TRP A 253 6.52 8.81 18.93
N SER A 254 5.67 9.73 18.45
CA SER A 254 4.39 9.46 17.78
C SER A 254 4.53 8.45 16.65
N THR A 255 5.53 8.63 15.77
CA THR A 255 5.78 7.76 14.61
C THR A 255 6.33 6.42 15.06
N VAL A 256 7.42 6.42 15.84
CA VAL A 256 8.14 5.24 16.32
C VAL A 256 7.21 4.30 17.12
N ILE A 257 6.34 4.81 18.03
CA ILE A 257 5.46 3.95 18.82
C ILE A 257 4.37 3.30 17.95
N LEU A 258 3.81 4.02 16.96
CA LEU A 258 2.78 3.47 16.09
C LEU A 258 3.38 2.48 15.09
N GLU A 259 4.67 2.65 14.75
CA GLU A 259 5.40 1.76 13.86
C GLU A 259 5.83 0.50 14.62
N LEU A 260 6.33 0.65 15.86
CA LEU A 260 6.74 -0.47 16.71
C LEU A 260 5.53 -1.32 17.12
N TRP A 261 4.33 -0.71 17.20
CA TRP A 261 3.10 -1.44 17.53
C TRP A 261 2.78 -2.43 16.41
N LYS A 262 2.88 -1.98 15.15
CA LYS A 262 2.64 -2.78 13.94
C LYS A 262 3.49 -4.05 13.96
N ARG A 263 4.79 -3.90 14.30
CA ARG A 263 5.79 -4.97 14.38
C ARG A 263 5.47 -5.95 15.50
N GLY A 264 5.10 -5.43 16.68
CA GLY A 264 4.74 -6.20 17.86
C GLY A 264 3.47 -7.00 17.67
N CYS A 265 2.46 -6.37 17.03
CA CYS A 265 1.15 -6.94 16.69
C CYS A 265 1.34 -8.07 15.68
N ALA A 266 2.23 -7.87 14.69
CA ALA A 266 2.56 -8.86 13.65
C ALA A 266 3.17 -10.12 14.26
N ASN A 267 4.02 -9.97 15.30
CA ASN A 267 4.66 -11.08 16.03
C ASN A 267 3.63 -11.91 16.78
N MET A 268 2.73 -11.22 17.48
CA MET A 268 1.66 -11.77 18.30
C MET A 268 0.60 -12.48 17.46
N THR A 269 0.10 -11.82 16.39
CA THR A 269 -0.93 -12.38 15.50
C THR A 269 -0.40 -13.54 14.67
N TYR A 270 0.93 -13.58 14.41
CA TYR A 270 1.54 -14.71 13.69
C TYR A 270 1.54 -15.92 14.61
N ARG A 271 1.96 -15.71 15.88
CA ARG A 271 2.01 -16.72 16.95
C ARG A 271 0.62 -17.32 17.18
N TRP A 272 -0.42 -16.46 17.10
CA TRP A 272 -1.83 -16.85 17.24
C TRP A 272 -2.32 -17.57 15.99
N GLY A 273 -1.82 -17.16 14.82
CA GLY A 273 -2.15 -17.73 13.52
C GLY A 273 -3.14 -16.90 12.71
N THR A 274 -3.79 -15.93 13.36
CA THR A 274 -4.79 -15.03 12.78
C THR A 274 -4.19 -14.10 11.69
N LEU A 275 -2.86 -13.89 11.68
CA LEU A 275 -2.16 -13.07 10.67
C LEU A 275 -2.11 -13.79 9.32
N LEU A 276 -2.02 -15.14 9.35
CA LEU A 276 -1.93 -16.01 8.17
C LEU A 276 -3.32 -16.32 7.59
N MET A 277 -4.38 -15.86 8.27
CA MET A 277 -5.77 -16.04 7.84
C MET A 277 -6.13 -15.04 6.76
N LYS A 278 -6.70 -15.55 5.65
CA LYS A 278 -7.15 -14.74 4.53
C LYS A 278 -8.65 -14.51 4.73
N ARG A 279 -8.97 -13.49 5.55
CA ARG A 279 -10.32 -13.12 5.98
C ARG A 279 -11.19 -12.57 4.85
N LYS A 280 -10.59 -12.14 3.72
CA LYS A 280 -11.30 -11.58 2.57
C LYS A 280 -12.20 -12.63 1.87
N PHE A 281 -11.84 -13.93 1.94
CA PHE A 281 -12.58 -15.03 1.33
C PHE A 281 -13.63 -15.64 2.26
N GLU A 282 -13.76 -15.09 3.49
CA GLU A 282 -14.72 -15.59 4.48
C GLU A 282 -16.16 -15.35 4.04
N GLU A 283 -17.08 -16.20 4.56
CA GLU A 283 -18.52 -16.15 4.28
C GLU A 283 -19.14 -14.81 4.75
N PRO A 284 -20.20 -14.29 4.08
CA PRO A 284 -20.75 -12.99 4.49
C PRO A 284 -21.45 -12.99 5.85
N ARG A 285 -21.54 -11.79 6.46
CA ARG A 285 -22.21 -11.52 7.73
C ARG A 285 -23.72 -11.78 7.61
N PRO A 286 -24.45 -12.13 8.72
CA PRO A 286 -25.89 -12.40 8.59
C PRO A 286 -26.71 -11.20 8.07
N GLY A 287 -26.22 -9.98 8.33
CA GLY A 287 -26.85 -8.73 7.90
C GLY A 287 -26.73 -8.40 6.43
N PHE A 288 -25.94 -9.21 5.67
CA PHE A 288 -25.75 -9.01 4.25
C PHE A 288 -26.86 -9.69 3.44
N HIS A 289 -27.57 -8.88 2.63
CA HIS A 289 -28.66 -9.31 1.76
C HIS A 289 -28.27 -9.21 0.28
N GLY A 290 -28.94 -9.99 -0.56
CA GLY A 290 -28.71 -10.02 -2.00
C GLY A 290 -29.32 -11.24 -2.66
N VAL A 291 -29.33 -11.25 -4.01
CA VAL A 291 -29.87 -12.34 -4.82
C VAL A 291 -28.93 -13.54 -4.71
N LEU A 292 -29.45 -14.72 -4.32
CA LEU A 292 -28.68 -15.94 -4.18
C LEU A 292 -28.09 -16.36 -5.53
N GLY A 293 -26.77 -16.51 -5.56
CA GLY A 293 -26.01 -16.91 -6.73
C GLY A 293 -24.67 -17.50 -6.39
N ILE A 294 -23.87 -17.81 -7.42
CA ILE A 294 -22.55 -18.41 -7.24
C ILE A 294 -21.50 -17.30 -7.21
N ASN A 295 -20.66 -17.31 -6.16
CA ASN A 295 -19.56 -16.39 -5.97
C ASN A 295 -18.51 -16.64 -7.05
N SER A 296 -17.97 -15.57 -7.65
CA SER A 296 -16.97 -15.67 -8.72
C SER A 296 -15.60 -16.12 -8.19
N ILE A 297 -15.29 -15.79 -6.92
CA ILE A 297 -14.00 -16.08 -6.27
C ILE A 297 -14.02 -17.44 -5.54
N THR A 298 -14.90 -17.60 -4.53
CA THR A 298 -14.97 -18.80 -3.69
C THR A 298 -15.82 -19.94 -4.33
N GLY A 299 -16.76 -19.59 -5.20
CA GLY A 299 -17.64 -20.56 -5.86
C GLY A 299 -18.78 -21.05 -4.99
N LYS A 300 -18.98 -20.39 -3.83
CA LYS A 300 -20.01 -20.73 -2.85
C LYS A 300 -21.36 -20.11 -3.24
N GLU A 301 -22.47 -20.84 -2.98
CA GLU A 301 -23.81 -20.36 -3.24
C GLU A 301 -24.22 -19.50 -2.05
N GLU A 302 -24.09 -18.17 -2.22
CA GLU A 302 -24.36 -17.16 -1.19
C GLU A 302 -25.04 -15.90 -1.80
N PRO A 303 -25.57 -14.94 -1.00
CA PRO A 303 -26.20 -13.75 -1.62
C PRO A 303 -25.19 -12.90 -2.39
N LEU A 304 -25.65 -12.27 -3.47
CA LEU A 304 -24.83 -11.40 -4.32
C LEU A 304 -25.44 -10.01 -4.39
N TYR A 305 -24.62 -8.99 -4.12
CA TYR A 305 -25.07 -7.61 -4.15
C TYR A 305 -24.09 -6.77 -4.98
N PRO A 306 -24.59 -5.94 -5.93
CA PRO A 306 -23.66 -5.14 -6.77
C PRO A 306 -22.95 -4.06 -5.96
N SER A 307 -21.62 -4.01 -6.08
CA SER A 307 -20.72 -3.08 -5.37
C SER A 307 -21.08 -1.62 -5.63
N TYR A 308 -21.50 -1.28 -6.88
CA TYR A 308 -21.86 0.08 -7.27
C TYR A 308 -23.03 0.63 -6.43
N LYS A 309 -24.02 -0.23 -6.06
CA LYS A 309 -25.17 0.14 -5.23
C LYS A 309 -24.72 0.55 -3.83
N ARG A 310 -23.76 -0.22 -3.27
CA ARG A 310 -23.16 0.01 -1.96
C ARG A 310 -22.33 1.30 -1.97
N GLN A 311 -21.53 1.53 -3.05
CA GLN A 311 -20.68 2.70 -3.23
C GLN A 311 -21.49 4.00 -3.34
N LEU A 312 -22.64 3.96 -4.08
CA LEU A 312 -23.52 5.12 -4.24
C LEU A 312 -24.12 5.53 -2.89
N ARG A 313 -24.54 4.54 -2.08
CA ARG A 313 -25.11 4.76 -0.74
C ARG A 313 -24.06 5.37 0.20
N ILE A 314 -22.77 5.02 0.02
CA ILE A 314 -21.63 5.50 0.81
C ILE A 314 -21.33 6.98 0.48
N TYR A 315 -21.04 7.29 -0.78
CA TYR A 315 -20.61 8.62 -1.21
C TYR A 315 -21.75 9.63 -1.47
N LEU A 316 -22.98 9.18 -1.75
CA LEU A 316 -24.06 10.12 -2.05
C LEU A 316 -25.07 10.30 -0.91
N VAL A 317 -25.17 9.35 0.04
CA VAL A 317 -26.14 9.46 1.13
C VAL A 317 -25.43 9.55 2.49
N SER A 318 -24.56 8.56 2.79
CA SER A 318 -23.85 8.47 4.07
C SER A 318 -22.80 9.58 4.26
N LEU A 319 -21.90 9.79 3.27
CA LEU A 319 -20.85 10.81 3.32
C LEU A 319 -21.45 12.23 3.51
N PRO A 320 -22.49 12.69 2.74
CA PRO A 320 -23.03 14.04 3.00
C PRO A 320 -23.69 14.16 4.38
N PHE A 321 -24.27 13.06 4.91
CA PHE A 321 -24.91 13.04 6.23
C PHE A 321 -23.87 13.26 7.34
N VAL A 322 -22.72 12.55 7.24
CA VAL A 322 -21.61 12.64 8.19
C VAL A 322 -21.08 14.10 8.19
N CYS A 323 -20.96 14.70 6.99
CA CYS A 323 -20.50 16.08 6.79
C CYS A 323 -21.48 17.08 7.38
N LEU A 324 -22.80 16.80 7.32
CA LEU A 324 -23.84 17.65 7.86
C LEU A 324 -23.78 17.65 9.40
N CYS A 325 -23.57 16.45 9.99
CA CYS A 325 -23.46 16.27 11.44
C CYS A 325 -22.18 16.90 11.97
N LEU A 326 -21.10 16.87 11.17
CA LEU A 326 -19.80 17.46 11.50
C LEU A 326 -19.90 18.99 11.48
N TYR A 327 -20.70 19.55 10.54
CA TYR A 327 -20.96 20.98 10.42
C TYR A 327 -21.85 21.45 11.57
N PHE A 328 -22.86 20.63 11.93
CA PHE A 328 -23.78 20.89 13.03
C PHE A 328 -23.05 20.88 14.37
N SER A 329 -22.03 20.01 14.51
CA SER A 329 -21.18 19.91 15.70
C SER A 329 -20.43 21.21 15.94
N LEU A 330 -19.91 21.83 14.85
CA LEU A 330 -19.20 23.10 14.88
C LEU A 330 -20.17 24.24 15.18
N TYR A 331 -21.43 24.13 14.67
CA TYR A 331 -22.50 25.10 14.87
C TYR A 331 -22.91 25.13 16.35
N VAL A 332 -23.07 23.95 16.97
CA VAL A 332 -23.44 23.78 18.38
C VAL A 332 -22.31 24.30 19.28
N MET A 333 -21.04 23.99 18.91
CA MET A 333 -19.84 24.43 19.63
C MET A 333 -19.77 25.96 19.69
N MET A 334 -20.07 26.62 18.56
CA MET A 334 -20.09 28.09 18.43
C MET A 334 -21.13 28.70 19.35
N ILE A 335 -22.29 28.02 19.54
CA ILE A 335 -23.37 28.46 20.43
C ILE A 335 -22.86 28.44 21.88
N TYR A 336 -22.06 27.40 22.26
CA TYR A 336 -21.46 27.28 23.60
C TYR A 336 -20.47 28.44 23.85
N PHE A 337 -19.61 28.75 22.85
CA PHE A 337 -18.62 29.82 22.97
C PHE A 337 -19.29 31.21 22.91
N ASP A 338 -20.56 31.26 22.46
CA ASP A 338 -21.37 32.48 22.44
C ASP A 338 -22.16 32.58 23.75
N MET A 339 -22.44 31.40 24.37
CA MET A 339 -23.13 31.26 25.66
C MET A 339 -22.20 31.65 26.79
N GLU A 340 -20.90 31.33 26.65
CA GLU A 340 -19.85 31.65 27.62
C GLU A 340 -19.59 33.15 27.65
N VAL A 341 -19.92 33.86 26.54
CA VAL A 341 -19.80 35.32 26.40
C VAL A 341 -20.98 35.98 27.14
N TRP A 342 -22.21 35.41 26.98
CA TRP A 342 -23.44 35.88 27.64
C TRP A 342 -23.36 35.68 29.16
N ALA A 343 -22.72 34.56 29.59
CA ALA A 343 -22.52 34.22 31.00
C ALA A 343 -21.44 35.08 31.64
N LEU A 344 -20.40 35.48 30.87
CA LEU A 344 -19.32 36.30 31.41
C LEU A 344 -19.76 37.76 31.58
N GLY A 345 -20.59 38.25 30.65
CA GLY A 345 -21.14 39.61 30.69
C GLY A 345 -22.06 39.83 31.87
N LEU A 346 -22.87 38.79 32.19
CA LEU A 346 -23.82 38.80 33.30
C LEU A 346 -23.11 38.76 34.65
N HIS A 347 -21.97 38.03 34.74
CA HIS A 347 -21.14 37.91 35.94
C HIS A 347 -20.41 39.24 36.21
N GLU A 348 -19.99 39.92 35.12
CA GLU A 348 -19.31 41.23 35.17
C GLU A 348 -20.26 42.32 35.67
N ASN A 349 -21.58 42.16 35.38
CA ASN A 349 -22.64 43.07 35.80
C ASN A 349 -23.25 42.62 37.12
N TRP A 354 -24.79 34.50 43.09
CA TRP A 354 -25.62 33.91 42.05
C TRP A 354 -24.91 33.86 40.69
N THR A 355 -24.03 34.83 40.42
CA THR A 355 -23.28 34.96 39.15
C THR A 355 -22.21 33.88 39.00
N SER A 356 -21.54 33.49 40.11
CA SER A 356 -20.49 32.46 40.13
C SER A 356 -21.04 31.07 39.77
N VAL A 357 -22.36 30.84 40.01
CA VAL A 357 -23.06 29.60 39.70
C VAL A 357 -23.40 29.59 38.20
N LEU A 358 -23.82 30.75 37.67
CA LEU A 358 -24.21 30.98 36.28
C LEU A 358 -23.04 30.74 35.30
N LEU A 359 -21.78 30.82 35.78
CA LEU A 359 -20.57 30.61 34.96
C LEU A 359 -20.38 29.13 34.58
N TYR A 360 -20.82 28.19 35.45
CA TYR A 360 -20.72 26.74 35.24
C TYR A 360 -21.81 26.23 34.29
N VAL A 361 -22.99 26.88 34.32
CA VAL A 361 -24.22 26.58 33.56
C VAL A 361 -23.96 26.31 32.02
N PRO A 362 -23.23 27.15 31.23
CA PRO A 362 -23.07 26.84 29.78
C PRO A 362 -22.24 25.58 29.53
N SER A 363 -21.25 25.29 30.40
CA SER A 363 -20.39 24.11 30.30
C SER A 363 -21.19 22.84 30.60
N ILE A 364 -22.17 22.94 31.52
CA ILE A 364 -23.06 21.84 31.92
C ILE A 364 -24.04 21.55 30.76
N ILE A 365 -24.65 22.60 30.17
CA ILE A 365 -25.61 22.50 29.05
C ILE A 365 -24.93 21.85 27.82
N TYR A 366 -23.77 22.38 27.39
CA TYR A 366 -23.01 21.89 26.22
C TYR A 366 -22.64 20.41 26.36
N ALA A 367 -22.15 20.00 27.54
CA ALA A 367 -21.75 18.61 27.83
C ALA A 367 -22.94 17.66 27.74
N ILE A 368 -24.14 18.13 28.13
CA ILE A 368 -25.39 17.37 28.08
C ILE A 368 -25.82 17.21 26.61
N VAL A 369 -25.79 18.33 25.83
CA VAL A 369 -26.14 18.37 24.40
C VAL A 369 -25.22 17.41 23.61
N ILE A 370 -23.91 17.37 23.95
CA ILE A 370 -22.89 16.50 23.34
C ILE A 370 -23.31 15.03 23.52
N GLU A 371 -23.75 14.65 24.73
CA GLU A 371 -24.19 13.29 25.06
C GLU A 371 -25.45 12.91 24.27
N ILE A 372 -26.39 13.88 24.11
CA ILE A 372 -27.64 13.70 23.33
C ILE A 372 -27.27 13.49 21.86
N MET A 373 -26.29 14.28 21.36
CA MET A 373 -25.79 14.21 19.99
C MET A 373 -25.04 12.90 19.70
N ASN A 374 -24.18 12.45 20.64
CA ASN A 374 -23.39 11.23 20.49
C ASN A 374 -24.27 9.97 20.47
N ARG A 375 -25.33 9.92 21.30
CA ARG A 375 -26.25 8.78 21.34
C ARG A 375 -27.13 8.72 20.09
N LEU A 376 -27.57 9.90 19.60
CA LEU A 376 -28.42 10.01 18.40
C LEU A 376 -27.64 9.72 17.12
N TYR A 377 -26.40 10.25 16.99
CA TYR A 377 -25.55 10.04 15.82
C TYR A 377 -25.16 8.57 15.69
N ARG A 378 -24.90 7.89 16.83
CA ARG A 378 -24.51 6.47 16.83
C ARG A 378 -25.63 5.58 16.31
N TYR A 379 -26.91 5.94 16.59
CA TYR A 379 -28.09 5.19 16.09
C TYR A 379 -28.20 5.38 14.57
N ALA A 380 -27.95 6.62 14.10
CA ALA A 380 -28.00 6.99 12.68
C ALA A 380 -26.85 6.35 11.91
N ALA A 381 -25.65 6.26 12.54
CA ALA A 381 -24.45 5.67 11.96
C ALA A 381 -24.62 4.16 11.84
N GLU A 382 -25.14 3.49 12.90
CA GLU A 382 -25.41 2.05 12.94
C GLU A 382 -26.44 1.66 11.89
N PHE A 383 -27.43 2.54 11.64
CA PHE A 383 -28.47 2.34 10.63
C PHE A 383 -27.89 2.43 9.23
N LEU A 384 -27.15 3.52 8.93
CA LEU A 384 -26.56 3.77 7.61
C LEU A 384 -25.51 2.73 7.22
N THR A 385 -24.67 2.26 8.17
CA THR A 385 -23.64 1.25 7.87
C THR A 385 -24.31 -0.10 7.58
N SER A 386 -25.45 -0.37 8.24
CA SER A 386 -26.24 -1.59 8.00
C SER A 386 -26.94 -1.48 6.65
N TRP A 387 -27.47 -0.27 6.34
CA TRP A 387 -28.18 0.03 5.10
C TRP A 387 -27.22 -0.01 3.89
N GLU A 388 -25.94 0.41 4.08
CA GLU A 388 -24.87 0.39 3.06
C GLU A 388 -24.70 -1.01 2.48
N ASN A 389 -25.01 -2.04 3.30
CA ASN A 389 -25.01 -3.48 3.04
C ASN A 389 -23.60 -3.98 2.72
N HIS A 390 -22.76 -4.06 3.77
CA HIS A 390 -21.39 -4.56 3.69
C HIS A 390 -21.40 -6.08 3.72
N ARG A 391 -20.55 -6.72 2.92
CA ARG A 391 -20.49 -8.17 2.83
C ARG A 391 -19.82 -8.81 4.05
N LEU A 392 -18.66 -8.28 4.47
CA LEU A 392 -17.94 -8.83 5.62
C LEU A 392 -18.14 -7.99 6.88
N GLU A 393 -18.10 -8.64 8.06
CA GLU A 393 -18.25 -8.01 9.38
C GLU A 393 -17.14 -6.98 9.61
N SER A 394 -15.90 -7.29 9.14
CA SER A 394 -14.72 -6.42 9.24
C SER A 394 -14.97 -5.09 8.53
N ALA A 395 -15.57 -5.15 7.32
CA ALA A 395 -15.92 -3.97 6.51
C ALA A 395 -16.97 -3.12 7.23
N TYR A 396 -18.04 -3.76 7.77
CA TYR A 396 -19.10 -3.10 8.52
C TYR A 396 -18.51 -2.37 9.73
N GLN A 397 -17.60 -3.04 10.46
CA GLN A 397 -16.94 -2.48 11.65
C GLN A 397 -16.06 -1.28 11.30
N ASN A 398 -15.15 -1.41 10.30
CA ASN A 398 -14.25 -0.33 9.86
C ASN A 398 -15.02 0.92 9.41
N HIS A 399 -16.13 0.77 8.67
CA HIS A 399 -16.95 1.87 8.20
C HIS A 399 -17.71 2.51 9.35
N LEU A 400 -18.26 1.70 10.28
CA LEU A 400 -19.01 2.19 11.45
C LEU A 400 -18.08 2.94 12.40
N ILE A 401 -16.86 2.39 12.67
CA ILE A 401 -15.85 3.01 13.55
C ILE A 401 -15.49 4.40 12.97
N LEU A 402 -15.16 4.44 11.67
CA LEU A 402 -14.77 5.66 10.96
C LEU A 402 -15.84 6.77 11.06
N LYS A 403 -17.13 6.42 10.95
CA LYS A 403 -18.24 7.38 11.01
C LYS A 403 -18.38 8.00 12.41
N VAL A 404 -18.49 7.13 13.44
CA VAL A 404 -18.66 7.52 14.84
C VAL A 404 -17.41 8.26 15.37
N LEU A 405 -16.21 7.81 14.94
CA LEU A 405 -14.93 8.37 15.38
C LEU A 405 -14.71 9.82 14.95
N VAL A 406 -14.96 10.16 13.66
CA VAL A 406 -14.77 11.54 13.17
C VAL A 406 -15.71 12.52 13.91
N PHE A 407 -16.92 12.05 14.29
CA PHE A 407 -17.90 12.83 15.04
C PHE A 407 -17.44 13.02 16.48
N ASN A 408 -17.06 11.91 17.16
CA ASN A 408 -16.58 11.92 18.55
C ASN A 408 -15.29 12.74 18.69
N PHE A 409 -14.38 12.67 17.70
CA PHE A 409 -13.12 13.43 17.68
C PHE A 409 -13.42 14.92 17.58
N LEU A 410 -14.29 15.31 16.62
CA LEU A 410 -14.64 16.71 16.40
C LEU A 410 -15.29 17.32 17.63
N ASN A 411 -16.31 16.67 18.22
CA ASN A 411 -16.99 17.20 19.42
C ASN A 411 -16.04 17.37 20.60
N CYS A 412 -15.02 16.50 20.71
CA CYS A 412 -14.04 16.50 21.79
C CYS A 412 -12.93 17.54 21.56
N PHE A 413 -12.38 17.62 20.32
CA PHE A 413 -11.24 18.47 20.02
C PHE A 413 -11.56 19.84 19.39
N ALA A 414 -12.71 20.02 18.70
CA ALA A 414 -13.05 21.32 18.08
C ALA A 414 -13.04 22.46 19.10
N SER A 415 -13.59 22.22 20.31
CA SER A 415 -13.61 23.20 21.40
C SER A 415 -12.19 23.46 21.91
N LEU A 416 -11.37 22.39 22.01
CA LEU A 416 -9.97 22.44 22.45
C LEU A 416 -9.10 23.24 21.46
N PHE A 417 -9.33 23.05 20.15
CA PHE A 417 -8.63 23.76 19.08
C PHE A 417 -9.04 25.24 19.06
N TYR A 418 -10.34 25.52 19.36
CA TYR A 418 -10.90 26.86 19.40
C TYR A 418 -10.25 27.69 20.52
N ILE A 419 -10.10 27.09 21.71
CA ILE A 419 -9.48 27.75 22.87
C ILE A 419 -7.99 28.02 22.58
N ALA A 420 -7.30 27.03 21.99
CA ALA A 420 -5.87 27.07 21.69
C ALA A 420 -5.48 28.01 20.55
N PHE A 421 -6.21 28.00 19.43
CA PHE A 421 -5.80 28.78 18.25
C PHE A 421 -6.71 29.96 17.90
N VAL A 422 -7.99 29.95 18.31
CA VAL A 422 -8.87 31.09 18.03
C VAL A 422 -8.80 32.04 19.22
N LEU A 423 -9.13 31.55 20.44
CA LEU A 423 -9.09 32.33 21.67
C LEU A 423 -7.65 32.56 22.16
N LYS A 424 -6.72 31.62 21.83
CA LYS A 424 -5.30 31.61 22.19
C LYS A 424 -5.10 31.77 23.72
N ASP A 425 -6.03 31.15 24.49
CA ASP A 425 -6.06 31.18 25.95
C ASP A 425 -5.51 29.85 26.51
N MET A 426 -4.19 29.82 26.80
CA MET A 426 -3.49 28.64 27.30
C MET A 426 -3.91 28.28 28.73
N LYS A 427 -4.34 29.27 29.53
CA LYS A 427 -4.82 29.06 30.91
C LYS A 427 -6.12 28.26 30.89
N LEU A 428 -7.05 28.61 29.96
CA LEU A 428 -8.33 27.95 29.77
C LEU A 428 -8.13 26.55 29.15
N LEU A 429 -7.16 26.43 28.22
CA LEU A 429 -6.82 25.16 27.57
C LEU A 429 -6.29 24.15 28.59
N ARG A 430 -5.40 24.60 29.50
CA ARG A 430 -4.83 23.79 30.57
C ARG A 430 -5.94 23.28 31.49
N GLN A 431 -6.87 24.18 31.91
CA GLN A 431 -8.02 23.84 32.75
C GLN A 431 -8.98 22.88 32.04
N SER A 432 -9.12 23.02 30.69
CA SER A 432 -9.97 22.16 29.87
C SER A 432 -9.40 20.73 29.82
N LEU A 433 -8.07 20.61 29.59
CA LEU A 433 -7.35 19.33 29.52
C LEU A 433 -7.28 18.66 30.90
N ALA A 434 -7.16 19.47 31.97
CA ALA A 434 -7.10 18.99 33.35
C ALA A 434 -8.41 18.29 33.73
N THR A 435 -9.56 18.84 33.29
CA THR A 435 -10.89 18.26 33.55
C THR A 435 -11.01 16.93 32.80
N LEU A 436 -10.61 16.91 31.52
CA LEU A 436 -10.64 15.74 30.63
C LEU A 436 -9.75 14.60 31.13
N LEU A 437 -8.53 14.93 31.60
CA LEU A 437 -7.53 13.94 32.04
C LEU A 437 -7.67 13.50 33.51
N ILE A 438 -8.31 14.32 34.38
CA ILE A 438 -8.44 13.95 35.79
C ILE A 438 -9.91 13.60 36.12
N THR A 439 -10.77 14.62 36.36
CA THR A 439 -12.18 14.50 36.77
C THR A 439 -12.99 13.60 35.82
N SER A 440 -12.91 13.84 34.49
CA SER A 440 -13.64 13.08 33.49
C SER A 440 -13.24 11.60 33.47
N GLN A 441 -11.93 11.29 33.62
CA GLN A 441 -11.42 9.92 33.61
C GLN A 441 -11.81 9.16 34.89
N ILE A 442 -11.92 9.86 36.05
CA ILE A 442 -12.33 9.25 37.33
C ILE A 442 -13.81 8.85 37.23
N LEU A 443 -14.66 9.80 36.75
CA LEU A 443 -16.09 9.59 36.56
C LEU A 443 -16.37 8.52 35.52
N ASN A 444 -15.54 8.47 34.45
CA ASN A 444 -15.64 7.48 33.39
C ASN A 444 -15.48 6.06 33.95
N GLN A 445 -14.47 5.83 34.81
CA GLN A 445 -14.18 4.52 35.42
C GLN A 445 -15.32 4.03 36.30
N ILE A 446 -16.00 4.96 37.01
CA ILE A 446 -17.13 4.66 37.89
C ILE A 446 -18.31 4.19 37.00
N MET A 447 -18.61 4.95 35.93
CA MET A 447 -19.71 4.63 35.01
C MET A 447 -19.43 3.41 34.13
N GLU A 448 -18.15 3.19 33.75
CA GLU A 448 -17.70 2.12 32.87
C GLU A 448 -17.75 0.74 33.51
N SER A 449 -17.17 0.58 34.73
CA SER A 449 -17.11 -0.75 35.34
C SER A 449 -17.47 -0.81 36.82
N PHE A 450 -17.01 0.15 37.65
CA PHE A 450 -17.23 0.14 39.10
C PHE A 450 -18.71 0.13 39.50
N LEU A 451 -19.53 1.03 38.92
CA LEU A 451 -20.97 1.08 39.20
C LEU A 451 -21.67 -0.14 38.56
N PRO A 452 -21.47 -0.47 37.24
CA PRO A 452 -22.14 -1.67 36.68
C PRO A 452 -21.77 -2.98 37.38
N TYR A 453 -20.54 -3.09 37.94
CA TYR A 453 -20.11 -4.29 38.68
C TYR A 453 -20.88 -4.41 39.98
N TRP A 454 -21.03 -3.28 40.72
CA TRP A 454 -21.77 -3.20 41.99
C TRP A 454 -23.20 -3.68 41.75
N LEU A 455 -23.84 -3.19 40.68
CA LEU A 455 -25.21 -3.53 40.30
C LEU A 455 -25.35 -4.99 39.83
N GLN A 456 -24.34 -5.51 39.11
CA GLN A 456 -24.36 -6.89 38.61
C GLN A 456 -24.14 -7.87 39.75
N ARG A 457 -23.28 -7.50 40.74
CA ARG A 457 -22.99 -8.32 41.92
C ARG A 457 -24.25 -8.49 42.76
N LYS A 458 -25.05 -7.40 42.89
CA LYS A 458 -26.31 -7.35 43.63
C LYS A 458 -27.33 -8.28 42.98
N HIS A 459 -27.39 -8.31 41.63
CA HIS A 459 -28.29 -9.17 40.86
C HIS A 459 -27.89 -10.64 41.01
N GLY A 460 -26.57 -10.86 41.10
CA GLY A 460 -25.95 -12.17 41.24
C GLY A 460 -26.32 -12.91 42.51
N VAL A 461 -26.46 -12.14 43.61
CA VAL A 461 -26.85 -12.63 44.93
C VAL A 461 -28.35 -12.95 44.89
N ARG A 462 -29.16 -12.05 44.29
CA ARG A 462 -30.62 -12.16 44.16
C ARG A 462 -31.04 -13.44 43.44
N VAL A 463 -30.39 -13.74 42.30
CA VAL A 463 -30.64 -14.92 41.47
C VAL A 463 -30.23 -16.17 42.27
N LYS A 464 -29.03 -16.14 42.91
CA LYS A 464 -28.48 -17.23 43.70
C LYS A 464 -29.43 -17.67 44.83
N ARG A 465 -30.03 -16.69 45.53
CA ARG A 465 -30.96 -16.89 46.64
C ARG A 465 -32.27 -17.51 46.15
N LYS A 466 -32.76 -17.09 44.97
CA LYS A 466 -34.00 -17.59 44.36
C LYS A 466 -33.90 -19.10 44.04
N VAL A 467 -32.73 -19.53 43.55
CA VAL A 467 -32.42 -20.91 43.16
C VAL A 467 -32.28 -21.80 44.43
N GLN A 468 -31.65 -21.27 45.50
CA GLN A 468 -31.46 -21.96 46.78
C GLN A 468 -32.81 -22.34 47.42
N ALA A 469 -33.81 -21.47 47.22
CA ALA A 469 -35.17 -21.59 47.76
C ALA A 469 -36.02 -22.65 47.02
N LEU A 470 -35.59 -23.08 45.82
CA LEU A 470 -36.34 -24.02 44.98
C LEU A 470 -36.56 -25.39 45.65
N LYS A 471 -35.47 -26.06 46.08
CA LYS A 471 -35.46 -27.40 46.70
C LYS A 471 -36.13 -28.43 45.77
N ASP A 475 -30.98 -30.41 39.70
CA ASP A 475 -29.78 -29.61 39.75
C ASP A 475 -29.91 -28.38 38.84
N ALA A 476 -30.14 -27.20 39.44
CA ALA A 476 -30.33 -25.94 38.73
C ALA A 476 -29.05 -25.09 38.72
N THR A 477 -27.88 -25.75 38.57
CA THR A 477 -26.57 -25.07 38.52
C THR A 477 -26.43 -24.36 37.18
N LEU A 478 -26.71 -25.10 36.07
CA LEU A 478 -26.65 -24.56 34.71
C LEU A 478 -27.80 -23.58 34.49
N TYR A 479 -28.96 -23.83 35.10
CA TYR A 479 -30.15 -22.97 35.04
C TYR A 479 -29.79 -21.57 35.56
N GLU A 480 -29.20 -21.51 36.78
CA GLU A 480 -28.75 -20.29 37.45
C GLU A 480 -27.72 -19.54 36.60
N GLN A 481 -26.77 -20.29 35.99
CA GLN A 481 -25.70 -19.76 35.13
C GLN A 481 -26.27 -19.12 33.86
N VAL A 482 -27.29 -19.75 33.24
CA VAL A 482 -27.92 -19.25 32.01
C VAL A 482 -28.79 -18.02 32.34
N ILE A 483 -29.68 -18.10 33.36
CA ILE A 483 -30.56 -16.99 33.81
C ILE A 483 -29.73 -15.72 34.12
N LEU A 484 -28.58 -15.89 34.81
CA LEU A 484 -27.65 -14.83 35.19
C LEU A 484 -27.03 -14.17 33.94
N GLU A 485 -26.36 -14.96 33.09
CA GLU A 485 -25.68 -14.51 31.86
C GLU A 485 -26.65 -13.96 30.80
N LYS A 486 -27.90 -14.48 30.76
CA LYS A 486 -28.95 -14.05 29.83
C LYS A 486 -29.30 -12.59 30.08
N GLU A 487 -29.57 -12.23 31.35
CA GLU A 487 -29.95 -10.89 31.79
C GLU A 487 -28.74 -9.96 31.98
N MET A 488 -27.50 -10.49 31.83
CA MET A 488 -26.26 -9.71 31.92
C MET A 488 -26.18 -8.73 30.75
N GLY A 489 -25.36 -7.69 30.92
CA GLY A 489 -25.14 -6.69 29.89
C GLY A 489 -24.41 -7.26 28.69
N THR A 490 -24.71 -6.76 27.48
CA THR A 490 -24.08 -7.22 26.26
C THR A 490 -22.91 -6.30 25.94
N TYR A 491 -21.72 -6.87 25.68
CA TYR A 491 -20.54 -6.09 25.33
C TYR A 491 -20.72 -5.59 23.90
N LEU A 492 -20.87 -4.26 23.75
CA LEU A 492 -21.11 -3.55 22.50
C LEU A 492 -19.96 -3.65 21.49
N GLY A 493 -18.72 -3.70 21.99
CA GLY A 493 -17.52 -3.77 21.16
C GLY A 493 -16.36 -2.99 21.72
N THR A 494 -15.17 -3.18 21.12
CA THR A 494 -13.93 -2.53 21.56
C THR A 494 -13.83 -1.03 21.22
N PHE A 495 -14.80 -0.47 20.47
CA PHE A 495 -14.79 0.94 20.04
C PHE A 495 -14.61 1.92 21.22
N ASP A 496 -15.54 1.92 22.20
CA ASP A 496 -15.53 2.82 23.36
C ASP A 496 -14.24 2.72 24.16
N ASP A 497 -13.66 1.52 24.23
CA ASP A 497 -12.42 1.20 24.94
C ASP A 497 -11.20 1.78 24.22
N TYR A 498 -11.11 1.59 22.88
CA TYR A 498 -10.02 2.13 22.05
C TYR A 498 -10.09 3.66 21.95
N LEU A 499 -11.32 4.22 21.84
CA LEU A 499 -11.58 5.66 21.75
C LEU A 499 -10.97 6.40 22.95
N GLU A 500 -11.05 5.80 24.15
CA GLU A 500 -10.47 6.33 25.39
C GLU A 500 -8.96 6.58 25.21
N LEU A 501 -8.25 5.58 24.63
CA LEU A 501 -6.81 5.62 24.35
C LEU A 501 -6.50 6.53 23.16
N PHE A 502 -7.43 6.63 22.19
CA PHE A 502 -7.28 7.51 21.02
C PHE A 502 -7.32 8.96 21.46
N LEU A 503 -8.30 9.32 22.31
CA LEU A 503 -8.46 10.67 22.86
C LEU A 503 -7.28 10.99 23.76
N GLN A 504 -6.78 9.99 24.52
CA GLN A 504 -5.59 10.10 25.36
C GLN A 504 -4.39 10.49 24.51
N PHE A 505 -4.16 9.74 23.40
CA PHE A 505 -3.10 9.98 22.41
C PHE A 505 -3.26 11.36 21.78
N GLY A 506 -4.51 11.82 21.68
CA GLY A 506 -4.85 13.13 21.14
C GLY A 506 -4.36 14.26 22.02
N TYR A 507 -4.68 14.20 23.34
CA TYR A 507 -4.25 15.23 24.31
C TYR A 507 -2.73 15.25 24.48
N VAL A 508 -2.09 14.07 24.44
CA VAL A 508 -0.65 13.91 24.65
C VAL A 508 0.14 14.42 23.42
N SER A 509 -0.13 13.89 22.21
CA SER A 509 0.61 14.30 21.00
C SER A 509 0.34 15.74 20.57
N LEU A 510 -0.89 16.25 20.78
CA LEU A 510 -1.26 17.60 20.34
C LEU A 510 -0.83 18.70 21.31
N PHE A 511 -1.27 18.65 22.59
CA PHE A 511 -1.02 19.71 23.56
C PHE A 511 -0.11 19.31 24.74
N SER A 512 1.02 18.61 24.48
CA SER A 512 1.97 18.26 25.54
C SER A 512 2.79 19.48 25.94
N CYS A 513 2.99 20.42 24.99
CA CYS A 513 3.75 21.64 25.21
C CYS A 513 2.95 22.60 26.11
N VAL A 514 1.61 22.54 26.06
CA VAL A 514 0.74 23.37 26.90
C VAL A 514 0.53 22.68 28.26
N TYR A 515 0.14 21.39 28.25
CA TYR A 515 -0.10 20.58 29.45
C TYR A 515 0.96 19.45 29.50
N PRO A 516 2.12 19.68 30.19
CA PRO A 516 3.18 18.67 30.20
C PRO A 516 2.85 17.38 30.96
N LEU A 517 1.86 17.43 31.87
CA LEU A 517 1.45 16.27 32.66
C LEU A 517 0.40 15.40 31.93
N ALA A 518 0.11 15.71 30.64
CA ALA A 518 -0.87 14.99 29.81
C ALA A 518 -0.59 13.48 29.80
N ALA A 519 0.68 13.09 29.52
CA ALA A 519 1.10 11.69 29.48
C ALA A 519 1.17 11.09 30.88
N ALA A 520 1.50 11.89 31.91
CA ALA A 520 1.58 11.44 33.30
C ALA A 520 0.22 10.95 33.81
N PHE A 521 -0.86 11.73 33.55
CA PHE A 521 -2.22 11.35 33.97
C PHE A 521 -2.79 10.24 33.07
N ALA A 522 -2.31 10.15 31.81
CA ALA A 522 -2.73 9.12 30.87
C ALA A 522 -2.25 7.74 31.35
N VAL A 523 -0.97 7.64 31.79
CA VAL A 523 -0.35 6.42 32.32
C VAL A 523 -1.04 6.02 33.63
N LEU A 524 -1.34 7.01 34.50
CA LEU A 524 -2.01 6.78 35.79
C LEU A 524 -3.40 6.19 35.61
N ASN A 525 -4.18 6.70 34.63
CA ASN A 525 -5.52 6.19 34.33
C ASN A 525 -5.43 4.79 33.76
N ASN A 526 -4.48 4.57 32.83
CA ASN A 526 -4.23 3.29 32.18
C ASN A 526 -3.75 2.21 33.15
N PHE A 527 -3.16 2.62 34.31
CA PHE A 527 -2.70 1.71 35.36
C PHE A 527 -3.89 1.04 36.05
N THR A 528 -5.04 1.74 36.08
CA THR A 528 -6.29 1.24 36.67
C THR A 528 -7.24 0.76 35.56
N GLU A 529 -7.09 1.28 34.33
CA GLU A 529 -7.91 0.94 33.16
C GLU A 529 -7.81 -0.55 32.83
N VAL A 530 -6.60 -1.14 32.99
CA VAL A 530 -6.32 -2.57 32.78
C VAL A 530 -7.14 -3.40 33.78
N ASN A 531 -7.15 -3.01 35.05
CA ASN A 531 -7.87 -3.68 36.14
C ASN A 531 -9.39 -3.50 35.98
N SER A 532 -9.84 -2.26 35.69
CA SER A 532 -11.25 -1.89 35.53
C SER A 532 -11.89 -2.55 34.30
N ASP A 533 -11.22 -2.52 33.12
CA ASP A 533 -11.72 -3.13 31.90
C ASP A 533 -11.76 -4.65 31.99
N ALA A 534 -10.81 -5.25 32.74
CA ALA A 534 -10.76 -6.71 33.00
C ALA A 534 -11.97 -7.13 33.81
N LEU A 535 -12.29 -6.34 34.86
CA LEU A 535 -13.44 -6.53 35.75
C LEU A 535 -14.74 -6.41 34.97
N LYS A 536 -14.78 -5.45 34.03
CA LYS A 536 -15.89 -5.16 33.13
C LYS A 536 -16.13 -6.36 32.18
N MET A 537 -15.05 -7.03 31.75
CA MET A 537 -15.12 -8.19 30.87
C MET A 537 -15.52 -9.47 31.61
N CYS A 538 -14.98 -9.64 32.82
CA CYS A 538 -15.15 -10.84 33.63
C CYS A 538 -16.47 -10.88 34.41
N ARG A 539 -16.75 -9.85 35.21
CA ARG A 539 -17.88 -9.86 36.12
C ARG A 539 -19.02 -8.85 35.79
N VAL A 540 -18.99 -8.18 34.61
CA VAL A 540 -20.07 -7.24 34.27
C VAL A 540 -20.85 -7.75 33.06
N PHE A 541 -20.20 -7.85 31.89
CA PHE A 541 -20.82 -8.29 30.65
C PHE A 541 -20.80 -9.80 30.49
N LYS A 542 -21.75 -10.33 29.71
CA LYS A 542 -21.80 -11.74 29.36
C LYS A 542 -20.73 -11.99 28.29
N ARG A 543 -20.21 -13.23 28.20
CA ARG A 543 -19.15 -13.63 27.28
C ARG A 543 -19.40 -13.12 25.84
N PRO A 544 -18.52 -12.27 25.30
CA PRO A 544 -18.71 -11.81 23.91
C PRO A 544 -18.15 -12.80 22.90
N PHE A 545 -18.82 -12.96 21.74
CA PHE A 545 -18.36 -13.88 20.69
C PHE A 545 -17.01 -13.45 20.15
N SER A 546 -16.04 -14.37 20.12
CA SER A 546 -14.68 -14.12 19.66
C SER A 546 -14.65 -13.80 18.17
N GLU A 547 -13.76 -12.87 17.78
CA GLU A 547 -13.58 -12.48 16.39
C GLU A 547 -12.08 -12.57 16.05
N PRO A 548 -11.67 -13.42 15.09
CA PRO A 548 -10.23 -13.56 14.79
C PRO A 548 -9.66 -12.33 14.07
N SER A 549 -9.25 -11.32 14.85
CA SER A 549 -8.65 -10.08 14.35
C SER A 549 -7.14 -10.24 14.21
N ALA A 550 -6.57 -9.69 13.12
CA ALA A 550 -5.15 -9.75 12.82
C ALA A 550 -4.43 -8.40 13.04
N ASN A 551 -5.20 -7.36 13.42
CA ASN A 551 -4.73 -5.99 13.66
C ASN A 551 -5.78 -5.17 14.44
N ILE A 552 -5.47 -3.90 14.74
CA ILE A 552 -6.39 -2.99 15.43
C ILE A 552 -7.40 -2.36 14.43
N GLY A 553 -7.34 -2.79 13.17
CA GLY A 553 -8.24 -2.34 12.11
C GLY A 553 -8.00 -0.92 11.64
N VAL A 554 -9.10 -0.17 11.49
CA VAL A 554 -9.09 1.21 11.03
C VAL A 554 -8.50 2.18 12.11
N TRP A 555 -8.28 1.68 13.35
CA TRP A 555 -7.69 2.45 14.45
C TRP A 555 -6.26 2.86 14.16
N GLN A 556 -5.52 2.05 13.36
CA GLN A 556 -4.14 2.34 12.94
C GLN A 556 -4.11 3.63 12.13
N LEU A 557 -5.06 3.79 11.19
CA LEU A 557 -5.22 4.99 10.34
C LEU A 557 -5.57 6.21 11.20
N ALA A 558 -6.49 6.00 12.17
CA ALA A 558 -6.96 7.01 13.10
C ALA A 558 -5.82 7.58 13.95
N PHE A 559 -5.02 6.69 14.57
CA PHE A 559 -3.87 7.04 15.40
C PHE A 559 -2.76 7.70 14.58
N GLU A 560 -2.54 7.23 13.32
CA GLU A 560 -1.54 7.78 12.41
C GLU A 560 -1.93 9.19 11.94
N THR A 561 -3.25 9.44 11.74
CA THR A 561 -3.78 10.74 11.33
C THR A 561 -3.57 11.73 12.49
N MET A 562 -3.75 11.26 13.75
CA MET A 562 -3.56 12.03 14.97
C MET A 562 -2.09 12.48 15.10
N SER A 563 -1.15 11.59 14.73
CA SER A 563 0.28 11.89 14.77
C SER A 563 0.68 12.86 13.63
N VAL A 564 -0.13 12.93 12.56
CA VAL A 564 0.10 13.85 11.43
C VAL A 564 -0.42 15.24 11.84
N ILE A 565 -1.60 15.28 12.53
CA ILE A 565 -2.22 16.51 13.04
C ILE A 565 -1.30 17.14 14.11
N SER A 566 -0.62 16.29 14.93
CA SER A 566 0.29 16.75 15.99
C SER A 566 1.49 17.58 15.46
N VAL A 567 1.86 17.42 14.17
CA VAL A 567 2.93 18.20 13.54
C VAL A 567 2.44 19.64 13.36
N VAL A 568 1.21 19.79 12.85
CA VAL A 568 0.55 21.08 12.62
C VAL A 568 0.34 21.80 13.97
N THR A 569 -0.17 21.06 14.99
CA THR A 569 -0.47 21.57 16.33
C THR A 569 0.80 22.09 17.04
N ASN A 570 1.85 21.24 17.17
CA ASN A 570 3.10 21.59 17.84
C ASN A 570 3.82 22.75 17.15
N CYS A 571 3.80 22.81 15.81
CA CYS A 571 4.45 23.90 15.05
C CYS A 571 3.70 25.21 15.24
N ALA A 572 2.36 25.16 15.31
CA ALA A 572 1.52 26.33 15.52
C ALA A 572 1.69 26.89 16.92
N LEU A 573 1.60 26.03 17.97
CA LEU A 573 1.75 26.41 19.37
C LEU A 573 3.12 27.03 19.68
N ILE A 574 4.19 26.52 19.03
CA ILE A 574 5.55 27.05 19.22
C ILE A 574 5.65 28.42 18.51
N GLY A 575 5.16 28.49 17.27
CA GLY A 575 5.13 29.73 16.49
C GLY A 575 4.31 30.84 17.13
N MET A 576 3.28 30.44 17.91
CA MET A 576 2.37 31.33 18.62
C MET A 576 2.96 31.86 19.94
N SER A 577 3.88 31.10 20.57
CA SER A 577 4.50 31.46 21.86
C SER A 577 5.15 32.85 21.83
N PRO A 578 5.00 33.65 22.92
CA PRO A 578 5.58 35.01 22.93
C PRO A 578 7.11 35.06 22.85
N GLN A 579 7.80 33.94 23.17
CA GLN A 579 9.27 33.84 23.10
C GLN A 579 9.73 33.93 21.64
N VAL A 580 9.00 33.26 20.73
CA VAL A 580 9.29 33.24 19.29
C VAL A 580 8.83 34.56 18.65
N ASN A 581 7.67 35.10 19.11
CA ASN A 581 7.12 36.36 18.63
C ASN A 581 7.95 37.58 19.09
N ALA A 582 8.84 37.39 20.08
CA ALA A 582 9.75 38.43 20.56
C ALA A 582 10.85 38.69 19.54
N VAL A 583 11.25 37.63 18.80
CA VAL A 583 12.27 37.64 17.75
C VAL A 583 11.71 38.31 16.48
N PHE A 584 10.39 38.15 16.23
CA PHE A 584 9.69 38.72 15.08
C PHE A 584 8.64 39.76 15.56
N PRO A 585 9.05 41.02 15.87
CA PRO A 585 8.07 42.00 16.37
C PRO A 585 7.18 42.59 15.27
N GLU A 586 7.75 42.91 14.09
CA GLU A 586 7.04 43.50 12.96
C GLU A 586 6.79 42.45 11.86
N SER A 587 7.87 41.74 11.43
CA SER A 587 7.82 40.74 10.37
C SER A 587 7.15 39.45 10.87
N LYS A 588 5.80 39.45 10.94
CA LYS A 588 5.00 38.29 11.37
C LYS A 588 4.84 37.32 10.20
N ALA A 589 4.92 37.84 8.96
CA ALA A 589 4.82 37.08 7.71
C ALA A 589 6.02 36.13 7.57
N ASP A 590 7.24 36.64 7.91
CA ASP A 590 8.49 35.90 7.86
C ASP A 590 8.46 34.73 8.85
N LEU A 591 8.00 35.00 10.09
CA LEU A 591 7.87 34.01 11.17
C LEU A 591 7.01 32.81 10.72
N ILE A 592 5.82 33.07 10.14
CA ILE A 592 4.90 32.04 9.65
C ILE A 592 5.60 31.22 8.56
N LEU A 593 6.28 31.89 7.60
CA LEU A 593 7.01 31.23 6.51
C LEU A 593 8.08 30.26 7.06
N ILE A 594 8.77 30.65 8.15
CA ILE A 594 9.79 29.80 8.80
C ILE A 594 9.11 28.57 9.42
N VAL A 595 8.01 28.80 10.20
CA VAL A 595 7.22 27.78 10.89
C VAL A 595 6.67 26.75 9.86
N VAL A 596 6.05 27.25 8.77
CA VAL A 596 5.47 26.43 7.70
C VAL A 596 6.57 25.58 7.03
N ALA A 597 7.75 26.17 6.78
CA ALA A 597 8.90 25.47 6.19
C ALA A 597 9.36 24.32 7.09
N VAL A 598 9.49 24.59 8.42
CA VAL A 598 9.88 23.61 9.45
C VAL A 598 8.83 22.50 9.50
N GLU A 599 7.53 22.86 9.48
CA GLU A 599 6.38 21.94 9.51
C GLU A 599 6.41 20.98 8.30
N HIS A 600 6.74 21.50 7.10
CA HIS A 600 6.82 20.73 5.86
C HIS A 600 7.99 19.76 5.90
N ALA A 601 9.14 20.20 6.45
CA ALA A 601 10.35 19.39 6.60
C ALA A 601 10.10 18.24 7.59
N LEU A 602 9.41 18.54 8.71
CA LEU A 602 9.06 17.54 9.74
C LEU A 602 8.08 16.50 9.21
N LEU A 603 7.05 16.94 8.44
CA LEU A 603 6.04 16.05 7.83
C LEU A 603 6.68 15.08 6.84
N ALA A 604 7.69 15.55 6.08
CA ALA A 604 8.43 14.75 5.12
C ALA A 604 9.28 13.71 5.85
N LEU A 605 10.02 14.15 6.90
CA LEU A 605 10.86 13.29 7.72
C LEU A 605 10.04 12.26 8.49
N LYS A 606 8.81 12.64 8.92
CA LYS A 606 7.88 11.76 9.63
C LYS A 606 7.42 10.63 8.72
N PHE A 607 7.19 10.93 7.43
CA PHE A 607 6.76 9.93 6.46
C PHE A 607 7.92 9.01 6.07
N ILE A 608 9.15 9.56 5.92
CA ILE A 608 10.37 8.81 5.60
C ILE A 608 10.67 7.81 6.74
N LEU A 609 10.59 8.26 8.02
CA LEU A 609 10.81 7.44 9.22
C LEU A 609 9.82 6.27 9.28
N ALA A 610 8.53 6.54 8.96
CA ALA A 610 7.46 5.53 8.94
C ALA A 610 7.69 4.53 7.80
N PHE A 611 8.22 5.01 6.66
CA PHE A 611 8.52 4.17 5.49
C PHE A 611 9.73 3.30 5.76
N ALA A 612 10.77 3.85 6.44
CA ALA A 612 12.02 3.18 6.78
C ALA A 612 11.80 2.04 7.78
N ILE A 613 10.90 2.24 8.76
CA ILE A 613 10.59 1.21 9.77
C ILE A 613 9.65 0.19 9.12
N PRO A 614 10.07 -1.09 8.98
CA PRO A 614 9.18 -2.09 8.37
C PRO A 614 8.04 -2.46 9.32
N ASP A 615 6.80 -2.51 8.79
CA ASP A 615 5.59 -2.81 9.55
C ASP A 615 5.58 -4.25 10.14
N LYS A 616 6.45 -5.13 9.63
CA LYS A 616 6.58 -6.51 10.10
C LYS A 616 8.05 -6.86 10.36
N PRO A 617 8.38 -7.65 11.42
CA PRO A 617 9.79 -8.01 11.67
C PRO A 617 10.32 -8.95 10.58
N ARG A 618 11.66 -8.99 10.41
CA ARG A 618 12.36 -9.78 9.39
C ARG A 618 11.94 -11.26 9.41
N HIS A 619 11.96 -11.92 10.58
CA HIS A 619 11.62 -13.34 10.72
C HIS A 619 10.16 -13.64 10.33
N ILE A 620 9.22 -12.72 10.62
CA ILE A 620 7.79 -12.85 10.27
C ILE A 620 7.63 -12.71 8.76
N GLN A 621 8.36 -11.75 8.15
CA GLN A 621 8.35 -11.48 6.72
C GLN A 621 8.82 -12.70 5.92
N MET A 622 9.88 -13.40 6.43
CA MET A 622 10.44 -14.61 5.81
C MET A 622 9.47 -15.78 5.93
N LYS A 623 8.84 -15.93 7.11
CA LYS A 623 7.87 -16.99 7.40
C LYS A 623 6.62 -16.84 6.52
N LEU A 624 6.20 -15.58 6.26
CA LEU A 624 5.07 -15.24 5.40
C LEU A 624 5.44 -15.41 3.92
N ALA A 625 6.74 -15.20 3.57
CA ALA A 625 7.25 -15.32 2.21
C ALA A 625 7.34 -16.78 1.76
N ARG A 626 7.90 -17.68 2.63
CA ARG A 626 8.05 -19.10 2.34
C ARG A 626 6.69 -19.76 2.16
N LEU A 627 5.65 -19.30 2.91
CA LEU A 627 4.29 -19.80 2.81
C LEU A 627 3.65 -19.30 1.52
N GLU A 628 4.00 -18.06 1.08
CA GLU A 628 3.51 -17.47 -0.18
C GLU A 628 4.04 -18.28 -1.37
N PHE A 629 5.34 -18.63 -1.30
CA PHE A 629 6.06 -19.42 -2.31
C PHE A 629 5.48 -20.83 -2.41
N GLU A 630 5.20 -21.46 -1.24
CA GLU A 630 4.65 -22.81 -1.13
C GLU A 630 3.29 -22.90 -1.80
N SER A 631 2.44 -21.86 -1.65
CA SER A 631 1.10 -21.77 -2.24
C SER A 631 1.16 -21.78 -3.77
N LEU A 632 2.17 -21.10 -4.36
CA LEU A 632 2.39 -21.03 -5.81
C LEU A 632 2.87 -22.36 -6.35
N GLU A 633 3.78 -23.04 -5.61
CA GLU A 633 4.32 -24.35 -5.96
C GLU A 633 3.23 -25.41 -5.86
N ALA A 634 2.29 -25.23 -4.92
CA ALA A 634 1.13 -26.11 -4.69
C ALA A 634 0.15 -26.01 -5.85
N LEU A 635 -0.11 -24.77 -6.33
CA LEU A 635 -1.02 -24.48 -7.44
C LEU A 635 -0.51 -25.07 -8.75
N LYS A 636 0.83 -25.06 -8.96
CA LYS A 636 1.47 -25.63 -10.15
C LYS A 636 1.34 -27.16 -10.14
N GLN A 637 1.48 -27.79 -8.96
CA GLN A 637 1.37 -29.23 -8.77
C GLN A 637 -0.08 -29.71 -8.94
N GLN A 638 -1.05 -28.93 -8.39
CA GLN A 638 -2.47 -29.24 -8.42
C GLN A 638 -3.08 -29.14 -9.81
N GLN A 639 -2.68 -28.11 -10.60
CA GLN A 639 -3.17 -27.93 -11.96
C GLN A 639 -2.59 -29.00 -12.88
N PHE B 15 19.56 -25.55 -36.35
CA PHE B 15 18.45 -24.92 -35.64
C PHE B 15 18.16 -23.51 -36.19
N THR B 16 17.35 -22.72 -35.44
CA THR B 16 16.99 -21.33 -35.74
C THR B 16 17.76 -20.42 -34.77
N PRO B 17 18.65 -19.54 -35.30
CA PRO B 17 19.42 -18.67 -34.41
C PRO B 17 18.55 -17.60 -33.76
N LEU B 18 18.68 -17.44 -32.44
CA LEU B 18 17.88 -16.48 -31.68
C LEU B 18 18.75 -15.44 -30.96
N VAL B 19 19.82 -15.87 -30.27
CA VAL B 19 20.73 -15.01 -29.51
C VAL B 19 22.14 -15.13 -30.10
N VAL B 20 22.90 -14.01 -30.10
CA VAL B 20 24.27 -13.96 -30.59
C VAL B 20 25.22 -13.64 -29.43
N ILE B 21 26.35 -14.36 -29.35
CA ILE B 21 27.40 -14.17 -28.36
C ILE B 21 28.67 -13.76 -29.10
N GLU B 22 29.16 -12.54 -28.83
CA GLU B 22 30.37 -12.04 -29.46
C GLU B 22 31.54 -12.13 -28.47
N LEU B 23 32.59 -12.84 -28.87
CA LEU B 23 33.80 -13.03 -28.09
C LEU B 23 34.89 -12.08 -28.56
N ALA B 24 35.84 -11.71 -27.66
CA ALA B 24 36.96 -10.80 -27.95
C ALA B 24 37.79 -11.33 -29.14
N GLN B 25 38.45 -10.43 -29.90
CA GLN B 25 39.17 -10.75 -31.14
C GLN B 25 40.10 -12.00 -31.08
N ASP B 26 40.86 -12.23 -29.99
CA ASP B 26 41.73 -13.41 -29.95
C ASP B 26 41.53 -14.26 -28.68
N VAL B 27 40.31 -14.82 -28.51
CA VAL B 27 39.98 -15.68 -27.37
C VAL B 27 40.53 -17.09 -27.65
N LYS B 28 41.18 -17.70 -26.63
CA LYS B 28 41.76 -19.05 -26.68
C LYS B 28 40.72 -20.13 -26.97
N GLU B 29 41.12 -21.20 -27.68
CA GLU B 29 40.24 -22.32 -28.02
C GLU B 29 39.78 -23.06 -26.77
N GLU B 30 40.63 -23.09 -25.74
CA GLU B 30 40.37 -23.68 -24.41
C GLU B 30 39.12 -23.07 -23.80
N THR B 31 39.01 -21.73 -23.90
CA THR B 31 37.90 -20.91 -23.39
C THR B 31 36.65 -21.14 -24.23
N LYS B 32 36.79 -21.10 -25.57
CA LYS B 32 35.71 -21.29 -26.55
C LYS B 32 35.00 -22.63 -26.39
N GLU B 33 35.76 -23.73 -26.26
CA GLU B 33 35.22 -25.08 -26.10
C GLU B 33 34.56 -25.24 -24.74
N TRP B 34 35.13 -24.62 -23.69
CA TRP B 34 34.61 -24.65 -22.32
C TRP B 34 33.26 -23.93 -22.25
N LEU B 35 33.16 -22.75 -22.92
CA LEU B 35 31.93 -21.96 -22.99
C LEU B 35 30.86 -22.73 -23.77
N LYS B 36 31.26 -23.41 -24.87
CA LYS B 36 30.39 -24.24 -25.71
C LYS B 36 29.79 -25.39 -24.89
N ASN B 37 30.63 -26.06 -24.08
CA ASN B 37 30.26 -27.19 -23.23
C ASN B 37 29.19 -26.80 -22.21
N ARG B 38 29.37 -25.66 -21.50
CA ARG B 38 28.44 -25.19 -20.48
C ARG B 38 27.08 -24.77 -21.08
N ILE B 39 27.08 -24.26 -22.32
CA ILE B 39 25.87 -23.83 -23.02
C ILE B 39 25.15 -25.05 -23.65
N ILE B 40 25.86 -26.17 -23.87
CA ILE B 40 25.23 -27.35 -24.49
C ILE B 40 24.84 -28.42 -23.42
N ALA B 41 25.73 -28.73 -22.43
CA ALA B 41 25.54 -29.75 -21.38
C ALA B 41 24.21 -29.60 -20.64
N LYS B 42 23.58 -30.75 -20.29
CA LYS B 42 22.29 -30.82 -19.59
C LYS B 42 22.36 -30.16 -18.20
N LYS B 43 21.22 -29.58 -17.77
CA LYS B 43 21.07 -28.87 -16.50
C LYS B 43 21.42 -29.73 -15.28
N LYS B 44 21.24 -31.06 -15.38
CA LYS B 44 21.57 -32.04 -14.33
C LYS B 44 23.07 -32.01 -14.00
N ASP B 45 23.91 -31.83 -15.03
CA ASP B 45 25.38 -31.76 -14.92
C ASP B 45 25.87 -30.31 -14.70
N GLY B 46 24.94 -29.36 -14.64
CA GLY B 46 25.26 -27.94 -14.46
C GLY B 46 25.52 -27.29 -15.80
N GLY B 47 24.71 -26.28 -16.11
CA GLY B 47 24.80 -25.56 -17.37
C GLY B 47 23.55 -25.70 -18.20
N ALA B 48 23.17 -24.64 -18.93
CA ALA B 48 21.98 -24.57 -19.78
C ALA B 48 22.00 -25.64 -20.86
N GLN B 49 20.83 -26.23 -21.14
CA GLN B 49 20.66 -27.31 -22.12
C GLN B 49 20.28 -26.71 -23.50
N LEU B 50 21.00 -25.66 -23.91
CA LEU B 50 20.78 -24.95 -25.17
C LEU B 50 21.63 -25.55 -26.32
N LEU B 51 21.55 -24.92 -27.52
CA LEU B 51 22.28 -25.32 -28.73
C LEU B 51 23.26 -24.21 -29.10
N PHE B 52 24.54 -24.57 -29.32
CA PHE B 52 25.61 -23.61 -29.64
C PHE B 52 26.25 -23.97 -30.97
N ARG B 53 26.48 -22.94 -31.84
CA ARG B 53 27.07 -23.11 -33.17
C ARG B 53 27.72 -21.79 -33.63
N PRO B 54 28.86 -21.82 -34.38
CA PRO B 54 29.45 -20.55 -34.86
C PRO B 54 28.67 -19.94 -36.01
N LEU B 55 28.76 -18.60 -36.19
CA LEU B 55 28.07 -17.87 -37.27
C LEU B 55 28.38 -18.50 -38.62
N LEU B 56 29.67 -18.84 -38.85
CA LEU B 56 30.11 -19.50 -40.07
C LEU B 56 30.87 -20.78 -39.77
N ASN B 57 30.68 -21.78 -40.64
CA ASN B 57 31.37 -23.06 -40.63
C ASN B 57 32.42 -23.03 -41.76
N LYS B 58 32.22 -22.10 -42.72
CA LYS B 58 33.08 -21.86 -43.88
C LYS B 58 33.50 -20.38 -43.88
N TYR B 59 34.82 -20.13 -43.82
CA TYR B 59 35.40 -18.78 -43.77
C TYR B 59 36.17 -18.41 -45.05
N GLU B 60 36.24 -17.09 -45.34
CA GLU B 60 37.01 -16.53 -46.46
C GLU B 60 37.87 -15.36 -45.91
N GLN B 61 38.62 -14.62 -46.77
CA GLN B 61 39.50 -13.54 -46.32
C GLN B 61 38.78 -12.45 -45.51
N GLU B 62 37.62 -11.98 -46.00
CA GLU B 62 36.86 -10.92 -45.35
C GLU B 62 35.99 -11.42 -44.20
N THR B 63 35.85 -12.75 -44.08
CA THR B 63 35.08 -13.47 -43.06
C THR B 63 35.96 -13.83 -41.84
N LEU B 64 37.28 -14.07 -42.06
CA LEU B 64 38.27 -14.42 -41.03
C LEU B 64 38.30 -13.43 -39.85
N GLU B 65 37.95 -12.15 -40.11
CA GLU B 65 37.87 -11.08 -39.10
C GLU B 65 36.76 -11.39 -38.09
N ASN B 66 35.55 -11.66 -38.62
CA ASN B 66 34.33 -11.95 -37.88
C ASN B 66 34.23 -13.46 -37.70
N GLN B 67 35.15 -14.00 -36.91
CA GLN B 67 35.27 -15.42 -36.62
C GLN B 67 34.71 -15.77 -35.24
N ASN B 68 34.81 -14.85 -34.25
CA ASN B 68 34.40 -15.16 -32.88
C ASN B 68 32.93 -14.81 -32.59
N LEU B 69 32.05 -15.00 -33.59
CA LEU B 69 30.60 -14.80 -33.47
C LEU B 69 29.91 -16.17 -33.36
N TYR B 70 29.07 -16.35 -32.33
CA TYR B 70 28.39 -17.63 -32.09
C TYR B 70 26.88 -17.45 -31.86
N LEU B 71 26.10 -18.31 -32.51
CA LEU B 71 24.63 -18.32 -32.46
C LEU B 71 24.12 -19.33 -31.44
N VAL B 72 23.08 -18.95 -30.66
CA VAL B 72 22.48 -19.78 -29.62
C VAL B 72 20.96 -19.95 -29.89
N GLY B 73 20.50 -21.19 -29.75
CA GLY B 73 19.11 -21.60 -29.90
C GLY B 73 18.77 -22.72 -28.92
N ALA B 74 17.59 -23.35 -29.07
CA ALA B 74 17.14 -24.45 -28.20
C ALA B 74 16.04 -25.29 -28.85
N SER B 75 15.79 -26.49 -28.28
CA SER B 75 14.76 -27.43 -28.73
C SER B 75 13.37 -26.89 -28.38
N LYS B 76 12.32 -27.37 -29.08
CA LYS B 76 10.94 -26.94 -28.82
C LYS B 76 10.54 -27.33 -27.39
N ILE B 77 10.92 -28.56 -26.95
CA ILE B 77 10.66 -29.08 -25.60
C ILE B 77 11.46 -28.27 -24.58
N ARG B 78 12.74 -27.99 -24.89
CA ARG B 78 13.66 -27.23 -24.03
C ARG B 78 13.11 -25.81 -23.78
N MET B 79 12.58 -25.17 -24.83
CA MET B 79 12.00 -23.83 -24.76
C MET B 79 10.80 -23.79 -23.83
N LEU B 80 9.94 -24.83 -23.90
CA LEU B 80 8.75 -24.95 -23.06
C LEU B 80 9.13 -25.18 -21.60
N LEU B 81 10.20 -25.98 -21.36
CA LEU B 81 10.73 -26.25 -20.02
C LEU B 81 11.36 -24.99 -19.43
N GLY B 82 11.96 -24.18 -20.31
CA GLY B 82 12.56 -22.90 -19.94
C GLY B 82 11.51 -21.85 -19.64
N ALA B 83 10.33 -21.93 -20.32
CA ALA B 83 9.18 -21.05 -20.15
C ALA B 83 8.54 -21.27 -18.77
N GLU B 84 8.59 -22.53 -18.28
CA GLU B 84 8.09 -22.95 -16.98
C GLU B 84 9.01 -22.40 -15.89
N ALA B 85 10.35 -22.46 -16.13
CA ALA B 85 11.42 -22.02 -15.24
C ALA B 85 11.34 -20.53 -14.93
N VAL B 86 11.08 -19.69 -15.95
CA VAL B 86 10.94 -18.24 -15.80
C VAL B 86 9.55 -17.88 -15.24
N GLY B 87 8.61 -18.82 -15.38
CA GLY B 87 7.23 -18.69 -14.91
C GLY B 87 6.37 -17.77 -15.75
N LEU B 88 6.31 -18.03 -17.07
CA LEU B 88 5.51 -17.24 -18.00
C LEU B 88 4.03 -17.58 -17.80
N VAL B 89 3.21 -16.56 -17.58
CA VAL B 89 1.78 -16.73 -17.35
C VAL B 89 1.05 -16.59 -18.70
N LYS B 90 0.31 -17.64 -19.08
CA LYS B 90 -0.46 -17.71 -20.34
C LYS B 90 -1.92 -18.05 -20.05
N GLU B 91 -2.84 -17.69 -20.99
CA GLU B 91 -4.26 -17.95 -20.83
C GLU B 91 -4.60 -19.42 -21.09
N CYS B 92 -5.43 -19.99 -20.21
CA CYS B 92 -5.89 -21.38 -20.30
C CYS B 92 -7.20 -21.45 -21.11
N ASN B 93 -7.71 -22.68 -21.33
CA ASN B 93 -8.95 -22.91 -22.08
C ASN B 93 -10.19 -22.41 -21.32
N ASP B 94 -10.10 -22.28 -19.98
CA ASP B 94 -11.18 -21.77 -19.14
C ASP B 94 -11.07 -20.25 -18.95
N ASN B 95 -10.27 -19.59 -19.83
CA ASN B 95 -9.99 -18.15 -19.94
C ASN B 95 -9.25 -17.58 -18.69
N THR B 96 -8.74 -18.45 -17.80
CA THR B 96 -7.97 -18.04 -16.61
C THR B 96 -6.49 -17.98 -16.94
N MET B 97 -5.78 -17.01 -16.36
CA MET B 97 -4.34 -16.82 -16.57
C MET B 97 -3.55 -17.58 -15.51
N ARG B 98 -2.77 -18.58 -15.94
CA ARG B 98 -1.95 -19.41 -15.05
C ARG B 98 -0.52 -19.52 -15.56
N ALA B 99 0.45 -19.76 -14.65
CA ALA B 99 1.86 -19.94 -14.99
C ALA B 99 2.06 -21.26 -15.76
N PHE B 100 2.85 -21.22 -16.84
CA PHE B 100 3.09 -22.37 -17.70
C PHE B 100 3.86 -23.48 -17.00
N THR B 101 3.47 -24.73 -17.31
CA THR B 101 4.05 -25.99 -16.84
C THR B 101 3.98 -26.97 -18.02
N TYR B 102 5.08 -27.69 -18.32
CA TYR B 102 5.14 -28.65 -19.43
C TYR B 102 4.16 -29.81 -19.23
N ARG B 103 3.90 -30.19 -17.97
CA ARG B 103 2.96 -31.26 -17.64
C ARG B 103 1.50 -30.83 -17.91
N THR B 104 1.22 -29.52 -17.80
CA THR B 104 -0.11 -28.93 -17.98
C THR B 104 -0.20 -28.11 -19.29
N ARG B 105 0.70 -28.37 -20.25
CA ARG B 105 0.80 -27.63 -21.52
C ARG B 105 -0.48 -27.69 -22.38
N GLN B 106 -1.22 -28.80 -22.35
CA GLN B 106 -2.44 -29.01 -23.16
C GLN B 106 -3.61 -28.12 -22.69
N ASN B 107 -3.62 -27.68 -21.42
CA ASN B 107 -4.68 -26.85 -20.85
C ASN B 107 -4.58 -25.38 -21.29
N PHE B 108 -3.44 -24.95 -21.85
CA PHE B 108 -3.22 -23.58 -22.29
C PHE B 108 -3.78 -23.34 -23.70
N LYS B 109 -4.54 -22.24 -23.85
CA LYS B 109 -5.19 -21.82 -25.09
C LYS B 109 -4.15 -21.48 -26.16
N GLY B 110 -4.35 -22.02 -27.35
CA GLY B 110 -3.47 -21.81 -28.50
C GLY B 110 -2.28 -22.75 -28.58
N PHE B 111 -2.21 -23.73 -27.67
CA PHE B 111 -1.12 -24.70 -27.64
C PHE B 111 -1.44 -25.93 -28.48
N ASP B 112 -0.42 -26.42 -29.21
CA ASP B 112 -0.41 -27.63 -30.06
C ASP B 112 1.02 -28.15 -30.12
N ASP B 113 1.23 -29.47 -29.89
CA ASP B 113 2.55 -30.11 -29.85
C ASP B 113 3.33 -29.95 -31.16
N ASN B 114 2.62 -30.04 -32.30
CA ASN B 114 3.20 -29.89 -33.63
C ASN B 114 3.52 -28.42 -33.95
N ASN B 115 2.84 -27.48 -33.26
CA ASN B 115 3.02 -26.03 -33.43
C ASN B 115 4.14 -25.47 -32.55
N ASP B 116 4.83 -24.43 -33.07
CA ASP B 116 5.91 -23.71 -32.41
C ASP B 116 5.57 -22.21 -32.33
N ASP B 117 4.30 -21.86 -32.62
CA ASP B 117 3.75 -20.49 -32.62
C ASP B 117 3.32 -20.03 -31.21
N PHE B 118 3.39 -20.93 -30.20
CA PHE B 118 2.96 -20.70 -28.82
C PHE B 118 3.77 -19.60 -28.12
N LEU B 119 5.10 -19.76 -28.04
CA LEU B 119 5.99 -18.77 -27.44
C LEU B 119 6.51 -17.83 -28.53
N THR B 120 6.54 -16.50 -28.26
CA THR B 120 7.04 -15.52 -29.23
C THR B 120 8.57 -15.56 -29.26
N MET B 121 9.18 -14.95 -30.30
CA MET B 121 10.64 -14.90 -30.44
C MET B 121 11.25 -14.13 -29.27
N ALA B 122 10.57 -13.04 -28.83
CA ALA B 122 10.97 -12.19 -27.70
C ALA B 122 11.00 -12.99 -26.40
N GLU B 123 9.99 -13.87 -26.18
CA GLU B 123 9.88 -14.74 -25.01
C GLU B 123 11.02 -15.76 -25.04
N CYS B 124 11.24 -16.37 -26.23
CA CYS B 124 12.27 -17.37 -26.48
C CYS B 124 13.67 -16.84 -26.16
N GLN B 125 13.98 -15.62 -26.66
CA GLN B 125 15.26 -14.96 -26.46
C GLN B 125 15.46 -14.57 -24.99
N PHE B 126 14.36 -14.23 -24.26
CA PHE B 126 14.40 -13.90 -22.82
C PHE B 126 14.80 -15.11 -22.00
N ILE B 127 14.21 -16.29 -22.33
CA ILE B 127 14.45 -17.57 -21.67
C ILE B 127 15.93 -17.96 -21.86
N ILE B 128 16.47 -17.83 -23.10
CA ILE B 128 17.86 -18.15 -23.42
C ILE B 128 18.77 -17.22 -22.59
N LYS B 129 18.46 -15.90 -22.53
CA LYS B 129 19.21 -14.91 -21.74
C LYS B 129 19.23 -15.31 -20.27
N HIS B 130 18.05 -15.69 -19.72
CA HIS B 130 17.86 -16.12 -18.34
C HIS B 130 18.73 -17.34 -18.00
N GLU B 131 18.81 -18.32 -18.92
CA GLU B 131 19.59 -19.54 -18.73
C GLU B 131 21.10 -19.26 -18.78
N LEU B 132 21.53 -18.35 -19.67
CA LEU B 132 22.94 -17.94 -19.81
C LEU B 132 23.39 -17.13 -18.59
N GLU B 133 22.47 -16.33 -18.01
CA GLU B 133 22.72 -15.51 -16.82
C GLU B 133 22.83 -16.37 -15.56
N ASN B 134 22.14 -17.52 -15.53
CA ASN B 134 22.13 -18.42 -14.37
C ASN B 134 23.15 -19.56 -14.52
N LEU B 135 24.11 -19.41 -15.47
CA LEU B 135 25.23 -20.33 -15.68
C LEU B 135 26.25 -20.01 -14.59
N ARG B 136 26.39 -20.89 -13.59
CA ARG B 136 27.27 -20.62 -12.45
C ARG B 136 28.43 -21.60 -12.37
N ALA B 137 29.60 -21.10 -11.92
CA ALA B 137 30.83 -21.88 -11.76
C ALA B 137 30.66 -22.96 -10.69
N LYS B 138 31.11 -24.19 -11.00
CA LYS B 138 31.03 -25.33 -10.09
C LYS B 138 32.37 -25.49 -9.37
N ASP B 139 33.32 -26.22 -9.99
CA ASP B 139 34.64 -26.50 -9.41
C ASP B 139 35.74 -25.62 -10.03
N GLU B 140 35.43 -24.85 -11.10
CA GLU B 140 36.38 -23.97 -11.79
C GLU B 140 36.87 -22.87 -10.86
N LYS B 141 38.21 -22.74 -10.73
CA LYS B 141 38.86 -21.73 -9.89
C LYS B 141 39.23 -20.48 -10.71
N MET B 142 39.03 -20.54 -12.05
CA MET B 142 39.28 -19.47 -13.02
C MET B 142 38.61 -19.80 -14.36
N ILE B 143 38.53 -18.82 -15.28
CA ILE B 143 38.01 -19.06 -16.63
C ILE B 143 39.15 -19.77 -17.38
N PRO B 144 38.94 -21.01 -17.89
CA PRO B 144 40.04 -21.73 -18.57
C PRO B 144 40.75 -20.91 -19.64
N GLY B 145 42.08 -20.84 -19.52
CA GLY B 145 42.95 -20.09 -20.41
C GLY B 145 43.27 -18.68 -19.94
N TYR B 146 42.46 -18.16 -18.99
CA TYR B 146 42.64 -16.80 -18.44
C TYR B 146 42.71 -16.88 -16.90
N PRO B 147 43.94 -17.05 -16.34
CA PRO B 147 44.07 -17.16 -14.88
C PRO B 147 43.69 -15.90 -14.10
N GLN B 148 43.79 -14.71 -14.74
CA GLN B 148 43.43 -13.41 -14.16
C GLN B 148 41.92 -13.35 -13.86
N ALA B 149 41.09 -13.95 -14.74
CA ALA B 149 39.64 -14.02 -14.58
C ALA B 149 39.26 -15.19 -13.67
N LYS B 150 39.53 -15.02 -12.36
CA LYS B 150 39.29 -16.02 -11.32
C LYS B 150 37.79 -16.29 -11.12
N LEU B 151 37.46 -17.51 -10.70
CA LEU B 151 36.09 -17.96 -10.43
C LEU B 151 36.00 -18.66 -9.07
N TYR B 152 34.79 -18.72 -8.51
CA TYR B 152 34.49 -19.38 -7.24
C TYR B 152 33.11 -20.06 -7.34
N PRO B 153 32.80 -21.10 -6.51
CA PRO B 153 31.49 -21.76 -6.63
C PRO B 153 30.31 -20.80 -6.39
N GLY B 154 29.43 -20.74 -7.37
CA GLY B 154 28.25 -19.88 -7.35
C GLY B 154 28.32 -18.66 -8.23
N LYS B 155 29.54 -18.26 -8.67
CA LYS B 155 29.77 -17.07 -9.50
C LYS B 155 29.20 -17.26 -10.92
N SER B 156 28.41 -16.26 -11.37
CA SER B 156 27.80 -16.20 -12.71
C SER B 156 28.91 -16.15 -13.76
N LEU B 157 28.92 -17.12 -14.69
CA LEU B 157 29.91 -17.24 -15.74
C LEU B 157 29.80 -16.08 -16.73
N LEU B 158 28.57 -15.76 -17.18
CA LEU B 158 28.29 -14.66 -18.11
C LEU B 158 28.79 -13.33 -17.56
N ARG B 159 28.64 -13.09 -16.25
CA ARG B 159 29.10 -11.88 -15.59
C ARG B 159 30.63 -11.80 -15.61
N ARG B 160 31.32 -12.87 -15.18
CA ARG B 160 32.78 -12.93 -15.16
C ARG B 160 33.37 -12.81 -16.57
N LEU B 161 32.68 -13.40 -17.59
CA LEU B 161 33.10 -13.33 -18.99
C LEU B 161 32.98 -11.89 -19.50
N LEU B 162 31.92 -11.17 -19.12
CA LEU B 162 31.69 -9.78 -19.53
C LEU B 162 32.63 -8.81 -18.79
N THR B 163 32.89 -9.05 -17.47
CA THR B 163 33.76 -8.23 -16.62
C THR B 163 35.22 -8.31 -17.11
N SER B 164 35.72 -9.54 -17.35
CA SER B 164 37.08 -9.79 -17.84
C SER B 164 37.29 -9.26 -19.26
N GLY B 165 36.22 -9.26 -20.05
CA GLY B 165 36.23 -8.81 -21.44
C GLY B 165 36.35 -9.91 -22.46
N ILE B 166 36.24 -11.18 -22.03
CA ILE B 166 36.30 -12.37 -22.91
C ILE B 166 35.07 -12.36 -23.82
N VAL B 167 33.89 -12.08 -23.26
CA VAL B 167 32.64 -11.94 -24.01
C VAL B 167 32.38 -10.43 -24.11
N ILE B 168 32.36 -9.90 -25.34
CA ILE B 168 32.12 -8.47 -25.59
C ILE B 168 30.66 -8.15 -25.32
N GLN B 169 29.73 -8.91 -25.95
CA GLN B 169 28.29 -8.70 -25.81
C GLN B 169 27.46 -9.94 -26.13
N VAL B 170 26.23 -9.97 -25.58
CA VAL B 170 25.20 -10.99 -25.78
C VAL B 170 23.93 -10.23 -26.14
N PHE B 171 23.34 -10.51 -27.32
CA PHE B 171 22.16 -9.78 -27.78
C PHE B 171 21.18 -10.64 -28.59
N PRO B 172 19.86 -10.36 -28.53
CA PRO B 172 18.91 -11.12 -29.35
C PRO B 172 18.85 -10.61 -30.79
N LEU B 173 18.56 -11.52 -31.73
CA LEU B 173 18.45 -11.22 -33.17
C LEU B 173 17.08 -10.68 -33.55
N HIS B 174 17.06 -9.68 -34.45
CA HIS B 174 15.84 -9.07 -34.98
C HIS B 174 15.17 -10.00 -36.00
N ASP B 175 13.83 -9.99 -36.05
CA ASP B 175 13.08 -10.75 -37.04
C ASP B 175 12.59 -9.73 -38.06
N SER B 176 13.43 -9.48 -39.09
CA SER B 176 13.26 -8.51 -40.17
C SER B 176 11.83 -8.47 -40.74
N GLU B 177 11.26 -9.64 -41.10
CA GLU B 177 9.91 -9.76 -41.65
C GLU B 177 8.83 -9.35 -40.64
N ALA B 178 8.98 -9.77 -39.36
CA ALA B 178 8.04 -9.43 -38.28
C ALA B 178 8.12 -7.95 -37.92
N LEU B 179 9.34 -7.39 -37.89
CA LEU B 179 9.62 -5.98 -37.56
C LEU B 179 9.00 -5.06 -38.62
N LYS B 180 9.09 -5.45 -39.91
CA LYS B 180 8.55 -4.68 -41.04
C LYS B 180 7.02 -4.67 -41.00
N LYS B 181 6.39 -5.78 -40.55
CA LYS B 181 4.93 -5.91 -40.43
C LYS B 181 4.40 -5.01 -39.31
N LEU B 182 5.15 -4.93 -38.18
CA LEU B 182 4.83 -4.09 -37.03
C LEU B 182 5.01 -2.61 -37.38
N GLU B 183 6.09 -2.27 -38.14
CA GLU B 183 6.44 -0.93 -38.59
C GLU B 183 5.31 -0.23 -39.33
N ASP B 184 4.63 -0.95 -40.25
CA ASP B 184 3.53 -0.42 -41.07
C ASP B 184 2.28 -0.14 -40.24
N THR B 185 2.09 -0.88 -39.13
CA THR B 185 0.93 -0.70 -38.24
C THR B 185 1.28 0.26 -37.10
N TRP B 186 2.57 0.63 -36.95
CA TRP B 186 3.05 1.47 -35.85
C TRP B 186 3.07 2.99 -36.15
N TYR B 187 3.92 3.46 -37.08
CA TYR B 187 4.15 4.90 -37.30
C TYR B 187 2.85 5.72 -37.58
N THR B 188 2.35 5.74 -38.85
CA THR B 188 1.17 6.47 -39.36
C THR B 188 0.38 7.24 -38.30
N LYS B 193 -4.46 6.61 -35.99
CA LYS B 193 -5.13 5.57 -35.23
C LYS B 193 -4.40 5.27 -33.90
N TYR B 194 -4.97 4.33 -33.11
CA TYR B 194 -4.45 3.88 -31.82
C TYR B 194 -3.20 3.03 -32.01
N GLN B 195 -2.22 3.16 -31.10
CA GLN B 195 -0.96 2.43 -31.12
C GLN B 195 -1.16 0.92 -30.91
N PRO B 196 -0.43 0.04 -31.65
CA PRO B 196 -0.61 -1.42 -31.47
C PRO B 196 0.28 -1.96 -30.35
N ILE B 197 -0.09 -1.65 -29.09
CA ILE B 197 0.64 -2.00 -27.87
C ILE B 197 0.83 -3.52 -27.74
N ASP B 198 -0.17 -4.33 -28.12
CA ASP B 198 -0.08 -5.80 -28.06
C ASP B 198 0.92 -6.34 -29.08
N SER B 199 1.07 -5.66 -30.23
CA SER B 199 2.03 -6.02 -31.28
C SER B 199 3.45 -5.65 -30.85
N ILE B 200 3.62 -4.49 -30.17
CA ILE B 200 4.91 -4.00 -29.63
C ILE B 200 5.38 -4.97 -28.55
N ARG B 201 4.43 -5.47 -27.72
CA ARG B 201 4.70 -6.43 -26.65
C ARG B 201 5.23 -7.75 -27.21
N GLY B 202 4.59 -8.23 -28.28
CA GLY B 202 4.98 -9.48 -28.94
C GLY B 202 6.37 -9.47 -29.52
N TYR B 203 6.86 -8.28 -29.93
CA TYR B 203 8.19 -8.14 -30.54
C TYR B 203 9.26 -7.69 -29.54
N PHE B 204 8.99 -6.61 -28.78
CA PHE B 204 9.98 -6.00 -27.89
C PHE B 204 9.87 -6.41 -26.42
N GLY B 205 8.67 -6.76 -25.97
CA GLY B 205 8.47 -7.17 -24.59
C GLY B 205 7.55 -6.26 -23.80
N GLU B 206 7.29 -6.64 -22.55
CA GLU B 206 6.40 -5.95 -21.62
C GLU B 206 6.93 -4.56 -21.23
N THR B 207 8.26 -4.41 -21.02
CA THR B 207 8.86 -3.14 -20.61
C THR B 207 8.76 -2.06 -21.70
N ILE B 208 9.13 -2.39 -22.95
CA ILE B 208 9.11 -1.46 -24.08
C ILE B 208 7.66 -1.13 -24.45
N ALA B 209 6.75 -2.14 -24.49
CA ALA B 209 5.34 -1.91 -24.79
C ALA B 209 4.65 -1.07 -23.71
N LEU B 210 5.09 -1.22 -22.44
CA LEU B 210 4.58 -0.46 -21.30
C LEU B 210 4.91 1.02 -21.47
N TYR B 211 6.12 1.33 -22.00
CA TYR B 211 6.51 2.72 -22.24
C TYR B 211 5.61 3.35 -23.31
N PHE B 212 5.44 2.67 -24.46
CA PHE B 212 4.60 3.15 -25.56
C PHE B 212 3.14 3.20 -25.14
N GLY B 213 2.77 2.34 -24.20
CA GLY B 213 1.42 2.30 -23.64
C GLY B 213 1.19 3.51 -22.75
N PHE B 214 2.23 3.88 -21.96
CA PHE B 214 2.21 5.05 -21.08
C PHE B 214 2.30 6.34 -21.88
N LEU B 215 3.12 6.36 -22.95
CA LEU B 215 3.32 7.50 -23.84
C LEU B 215 1.98 7.86 -24.49
N GLU B 216 1.29 6.86 -25.07
CA GLU B 216 -0.02 7.03 -25.71
C GLU B 216 -1.05 7.54 -24.70
N TYR B 217 -1.04 6.99 -23.46
CA TYR B 217 -1.95 7.38 -22.38
C TYR B 217 -1.71 8.83 -21.93
N PHE B 218 -0.45 9.16 -21.60
CA PHE B 218 -0.03 10.47 -21.13
C PHE B 218 -0.34 11.57 -22.15
N THR B 219 -0.21 11.27 -23.46
CA THR B 219 -0.52 12.22 -24.55
C THR B 219 -2.03 12.55 -24.49
N PHE B 220 -2.88 11.51 -24.33
CA PHE B 220 -4.33 11.68 -24.23
C PHE B 220 -4.72 12.38 -22.92
N ALA B 221 -3.99 12.06 -21.83
CA ALA B 221 -4.18 12.65 -20.50
C ALA B 221 -3.89 14.14 -20.50
N LEU B 222 -2.89 14.58 -21.28
CA LEU B 222 -2.49 15.99 -21.38
C LEU B 222 -3.47 16.82 -22.21
N ILE B 223 -4.26 16.19 -23.12
CA ILE B 223 -5.22 16.85 -24.01
C ILE B 223 -6.19 17.75 -23.20
N PRO B 224 -6.89 17.34 -22.09
CA PRO B 224 -7.76 18.29 -21.38
C PRO B 224 -7.02 19.55 -20.93
N MET B 225 -5.81 19.40 -20.34
CA MET B 225 -4.95 20.50 -19.88
C MET B 225 -4.48 21.40 -21.03
N ALA B 226 -4.34 20.83 -22.24
CA ALA B 226 -3.95 21.58 -23.44
C ALA B 226 -5.11 22.43 -23.94
N VAL B 227 -6.35 21.89 -23.88
CA VAL B 227 -7.58 22.55 -24.31
C VAL B 227 -7.98 23.63 -23.28
N ILE B 228 -7.91 23.33 -21.96
CA ILE B 228 -8.26 24.27 -20.88
C ILE B 228 -7.26 25.44 -20.86
N GLY B 229 -5.96 25.13 -20.99
CA GLY B 229 -4.89 26.13 -20.98
C GLY B 229 -4.79 27.02 -22.20
N LEU B 230 -5.34 26.58 -23.35
CA LEU B 230 -5.30 27.33 -24.61
C LEU B 230 -5.99 28.73 -24.51
N PRO B 231 -7.26 28.91 -24.02
CA PRO B 231 -7.82 30.27 -23.95
C PRO B 231 -7.17 31.18 -22.90
N TYR B 232 -6.39 30.61 -21.96
CA TYR B 232 -5.68 31.36 -20.92
C TYR B 232 -4.54 32.18 -21.52
N TYR B 233 -3.97 31.69 -22.63
CA TYR B 233 -2.90 32.36 -23.36
C TYR B 233 -3.50 33.30 -24.41
N LEU B 234 -4.44 32.78 -25.24
CA LEU B 234 -5.11 33.49 -26.33
C LEU B 234 -5.85 34.76 -25.89
N PHE B 235 -6.61 34.70 -24.78
CA PHE B 235 -7.37 35.85 -24.28
C PHE B 235 -6.69 36.55 -23.09
N VAL B 236 -5.50 36.05 -22.68
CA VAL B 236 -4.65 36.55 -21.58
C VAL B 236 -5.52 36.66 -20.30
N TRP B 237 -5.89 35.51 -19.74
CA TRP B 237 -6.69 35.40 -18.52
C TRP B 237 -5.75 35.42 -17.31
N GLU B 238 -5.59 36.61 -16.69
CA GLU B 238 -4.71 36.81 -15.54
C GLU B 238 -5.50 37.37 -14.34
N ASP B 239 -6.59 36.66 -13.98
CA ASP B 239 -7.49 36.99 -12.87
C ASP B 239 -7.37 35.96 -11.76
N TYR B 240 -7.79 36.34 -10.52
CA TYR B 240 -7.76 35.46 -9.34
C TYR B 240 -8.64 34.24 -9.57
N ASP B 241 -9.94 34.48 -9.90
CA ASP B 241 -10.96 33.45 -10.16
C ASP B 241 -10.48 32.49 -11.27
N LYS B 242 -9.99 33.05 -12.40
CA LYS B 242 -9.51 32.29 -13.55
C LYS B 242 -8.30 31.40 -13.19
N TYR B 243 -7.34 31.92 -12.39
CA TYR B 243 -6.15 31.17 -11.98
C TYR B 243 -6.51 30.06 -10.99
N VAL B 244 -7.43 30.33 -10.04
CA VAL B 244 -7.89 29.37 -9.03
C VAL B 244 -8.60 28.19 -9.72
N ILE B 245 -9.50 28.47 -10.70
CA ILE B 245 -10.24 27.46 -11.47
C ILE B 245 -9.25 26.51 -12.18
N PHE B 246 -8.26 27.07 -12.90
CA PHE B 246 -7.25 26.32 -13.65
C PHE B 246 -6.37 25.47 -12.72
N ALA B 247 -5.87 26.07 -11.61
CA ALA B 247 -5.02 25.38 -10.62
C ALA B 247 -5.80 24.28 -9.91
N SER B 248 -7.10 24.50 -9.60
CA SER B 248 -7.97 23.50 -8.96
C SER B 248 -8.15 22.31 -9.88
N PHE B 249 -8.39 22.57 -11.19
CA PHE B 249 -8.54 21.54 -12.22
C PHE B 249 -7.22 20.78 -12.39
N ASN B 250 -6.09 21.51 -12.38
CA ASN B 250 -4.73 20.97 -12.50
C ASN B 250 -4.44 19.93 -11.41
N LEU B 251 -4.75 20.27 -10.14
CA LEU B 251 -4.51 19.40 -8.99
C LEU B 251 -5.40 18.16 -8.99
N ILE B 252 -6.64 18.29 -9.49
CA ILE B 252 -7.59 17.17 -9.60
C ILE B 252 -7.09 16.25 -10.74
N TRP B 253 -6.73 16.87 -11.89
CA TRP B 253 -6.21 16.19 -13.09
C TRP B 253 -4.99 15.32 -12.77
N SER B 254 -3.99 15.91 -12.06
CA SER B 254 -2.74 15.25 -11.65
C SER B 254 -2.99 13.92 -10.93
N THR B 255 -3.92 13.91 -9.97
CA THR B 255 -4.26 12.74 -9.16
C THR B 255 -5.02 11.70 -10.00
N VAL B 256 -6.13 12.13 -10.66
CA VAL B 256 -7.02 11.29 -11.46
C VAL B 256 -6.27 10.60 -12.62
N ILE B 257 -5.37 11.29 -13.35
CA ILE B 257 -4.64 10.66 -14.47
C ILE B 257 -3.63 9.61 -13.98
N LEU B 258 -2.96 9.86 -12.84
CA LEU B 258 -1.99 8.90 -12.31
C LEU B 258 -2.70 7.69 -11.69
N GLU B 259 -3.93 7.89 -11.21
CA GLU B 259 -4.76 6.82 -10.64
C GLU B 259 -5.38 5.99 -11.75
N LEU B 260 -5.90 6.65 -12.82
CA LEU B 260 -6.49 5.98 -13.98
C LEU B 260 -5.45 5.19 -14.77
N TRP B 261 -4.16 5.62 -14.72
CA TRP B 261 -3.06 4.90 -15.37
C TRP B 261 -2.87 3.55 -14.71
N LYS B 262 -2.85 3.52 -13.37
CA LYS B 262 -2.70 2.31 -12.55
C LYS B 262 -3.73 1.26 -12.96
N ARG B 263 -5.01 1.69 -13.12
CA ARG B 263 -6.16 0.85 -13.51
C ARG B 263 -6.01 0.31 -14.93
N GLY B 264 -5.60 1.18 -15.86
CA GLY B 264 -5.37 0.84 -17.26
C GLY B 264 -4.24 -0.14 -17.46
N CYS B 265 -3.14 0.09 -16.71
CA CYS B 265 -1.92 -0.74 -16.70
C CYS B 265 -2.25 -2.12 -16.15
N ALA B 266 -3.07 -2.18 -15.08
CA ALA B 266 -3.52 -3.42 -14.45
C ALA B 266 -4.31 -4.30 -15.42
N ASN B 267 -5.16 -3.68 -16.27
CA ASN B 267 -5.97 -4.35 -17.30
C ASN B 267 -5.09 -5.00 -18.35
N MET B 268 -4.11 -4.22 -18.83
CA MET B 268 -3.17 -4.56 -19.87
C MET B 268 -2.18 -5.66 -19.41
N THR B 269 -1.56 -5.48 -18.23
CA THR B 269 -0.59 -6.45 -17.67
C THR B 269 -1.26 -7.76 -17.27
N TYR B 270 -2.58 -7.74 -16.95
CA TYR B 270 -3.32 -8.96 -16.63
C TYR B 270 -3.51 -9.75 -17.93
N ARG B 271 -3.93 -9.06 -19.01
CA ARG B 271 -4.15 -9.60 -20.35
C ARG B 271 -2.86 -10.24 -20.88
N TRP B 272 -1.72 -9.61 -20.57
CA TRP B 272 -0.39 -10.08 -20.95
C TRP B 272 0.04 -11.26 -20.07
N GLY B 273 -0.38 -11.24 -18.80
CA GLY B 273 -0.08 -12.28 -17.81
C GLY B 273 1.03 -11.92 -16.83
N THR B 274 1.79 -10.86 -17.14
CA THR B 274 2.91 -10.38 -16.35
C THR B 274 2.47 -9.83 -14.96
N LEU B 275 1.18 -9.47 -14.79
CA LEU B 275 0.63 -8.98 -13.52
C LEU B 275 0.51 -10.12 -12.50
N LEU B 276 0.23 -11.34 -12.99
CA LEU B 276 0.05 -12.56 -12.19
C LEU B 276 1.40 -13.21 -11.84
N MET B 277 2.50 -12.67 -12.38
CA MET B 277 3.86 -13.15 -12.13
C MET B 277 4.38 -12.65 -10.78
N LYS B 278 4.90 -13.57 -9.95
CA LYS B 278 5.49 -13.25 -8.65
C LYS B 278 7.00 -13.17 -8.86
N ARG B 279 7.44 -11.98 -9.31
CA ARG B 279 8.82 -11.65 -9.70
C ARG B 279 9.80 -11.64 -8.51
N LYS B 280 9.29 -11.54 -7.26
CA LYS B 280 10.11 -11.50 -6.04
C LYS B 280 10.86 -12.83 -5.79
N PHE B 281 10.30 -13.97 -6.28
CA PHE B 281 10.90 -15.29 -6.10
C PHE B 281 11.83 -15.69 -7.27
N GLU B 282 12.01 -14.79 -8.25
CA GLU B 282 12.85 -15.03 -9.43
C GLU B 282 14.34 -15.16 -9.05
N GLU B 283 15.11 -15.86 -9.89
CA GLU B 283 16.55 -16.11 -9.72
C GLU B 283 17.34 -14.78 -9.76
N PRO B 284 18.48 -14.65 -9.04
CA PRO B 284 19.21 -13.38 -9.02
C PRO B 284 19.86 -13.00 -10.36
N ARG B 285 20.10 -11.69 -10.54
CA ARG B 285 20.75 -11.09 -11.70
C ARG B 285 22.22 -11.55 -11.81
N PRO B 286 22.85 -11.58 -13.01
CA PRO B 286 24.25 -12.04 -13.10
C PRO B 286 25.25 -11.21 -12.28
N GLY B 287 24.92 -9.93 -12.07
CA GLY B 287 25.74 -9.00 -11.30
C GLY B 287 25.72 -9.20 -9.80
N PHE B 288 24.86 -10.11 -9.30
CA PHE B 288 24.74 -10.40 -7.88
C PHE B 288 25.77 -11.46 -7.46
N HIS B 289 26.63 -11.08 -6.48
CA HIS B 289 27.67 -11.92 -5.91
C HIS B 289 27.36 -12.27 -4.46
N GLY B 290 27.93 -13.37 -3.98
CA GLY B 290 27.76 -13.87 -2.63
C GLY B 290 28.21 -15.30 -2.47
N VAL B 291 28.26 -15.78 -1.22
CA VAL B 291 28.67 -17.14 -0.87
C VAL B 291 27.53 -18.09 -1.28
N LEU B 292 27.87 -19.13 -2.09
CA LEU B 292 26.90 -20.11 -2.57
C LEU B 292 26.30 -20.88 -1.39
N GLY B 293 24.98 -20.85 -1.29
CA GLY B 293 24.21 -21.51 -0.24
C GLY B 293 22.77 -21.76 -0.63
N ILE B 294 21.96 -22.28 0.31
CA ILE B 294 20.56 -22.59 0.08
C ILE B 294 19.70 -21.41 0.51
N ASN B 295 18.83 -20.95 -0.41
CA ASN B 295 17.88 -19.87 -0.18
C ASN B 295 16.84 -20.32 0.84
N SER B 296 16.48 -19.45 1.80
CA SER B 296 15.53 -19.77 2.87
C SER B 296 14.09 -19.84 2.35
N ILE B 297 13.76 -19.06 1.30
CA ILE B 297 12.41 -18.98 0.72
C ILE B 297 12.20 -19.99 -0.42
N THR B 298 13.02 -19.90 -1.50
CA THR B 298 12.87 -20.75 -2.68
C THR B 298 13.56 -22.13 -2.54
N GLY B 299 14.58 -22.23 -1.69
CA GLY B 299 15.33 -23.46 -1.46
C GLY B 299 16.34 -23.79 -2.54
N LYS B 300 16.59 -22.81 -3.45
CA LYS B 300 17.52 -22.94 -4.57
C LYS B 300 18.96 -22.67 -4.14
N GLU B 301 19.93 -23.42 -4.72
CA GLU B 301 21.35 -23.24 -4.45
C GLU B 301 21.85 -22.09 -5.33
N GLU B 302 21.94 -20.90 -4.72
CA GLU B 302 22.32 -19.65 -5.39
C GLU B 302 23.21 -18.78 -4.45
N PRO B 303 23.87 -17.69 -4.94
CA PRO B 303 24.69 -16.87 -4.01
C PRO B 303 23.86 -16.20 -2.91
N LEU B 304 24.46 -16.05 -1.72
CA LEU B 304 23.81 -15.43 -0.56
C LEU B 304 24.63 -14.24 -0.09
N TYR B 305 23.97 -13.09 0.06
CA TYR B 305 24.63 -11.88 0.52
C TYR B 305 23.82 -11.25 1.66
N PRO B 306 24.49 -10.85 2.78
CA PRO B 306 23.74 -10.28 3.90
C PRO B 306 23.17 -8.90 3.56
N SER B 307 21.86 -8.71 3.83
CA SER B 307 21.11 -7.49 3.55
C SER B 307 21.70 -6.25 4.25
N TYR B 308 22.22 -6.42 5.49
CA TYR B 308 22.82 -5.34 6.27
C TYR B 308 24.02 -4.70 5.55
N LYS B 309 24.85 -5.51 4.84
CA LYS B 309 26.01 -5.05 4.07
C LYS B 309 25.57 -4.14 2.94
N ARG B 310 24.48 -4.53 2.24
CA ARG B 310 23.87 -3.79 1.13
C ARG B 310 23.27 -2.47 1.65
N GLN B 311 22.56 -2.52 2.81
CA GLN B 311 21.93 -1.36 3.44
C GLN B 311 22.94 -0.31 3.89
N LEU B 312 24.08 -0.75 4.47
CA LEU B 312 25.16 0.15 4.92
C LEU B 312 25.76 0.90 3.74
N ARG B 313 25.99 0.19 2.61
CA ARG B 313 26.53 0.76 1.36
C ARG B 313 25.56 1.80 0.78
N ILE B 314 24.24 1.59 0.96
CA ILE B 314 23.17 2.47 0.47
C ILE B 314 23.13 3.78 1.28
N TYR B 315 22.94 3.69 2.61
CA TYR B 315 22.75 4.84 3.47
C TYR B 315 24.04 5.52 3.96
N LEU B 316 25.20 4.83 3.96
CA LEU B 316 26.42 5.45 4.45
C LEU B 316 27.42 5.86 3.35
N VAL B 317 27.33 5.27 2.14
CA VAL B 317 28.27 5.62 1.06
C VAL B 317 27.52 6.26 -0.12
N SER B 318 26.50 5.57 -0.66
CA SER B 318 25.73 6.03 -1.81
C SER B 318 24.89 7.27 -1.53
N LEU B 319 24.06 7.25 -0.45
CA LEU B 319 23.20 8.38 -0.06
C LEU B 319 24.02 9.67 0.17
N PRO B 320 25.15 9.70 0.94
CA PRO B 320 25.90 10.95 1.08
C PRO B 320 26.52 11.44 -0.23
N PHE B 321 26.89 10.50 -1.15
CA PHE B 321 27.45 10.84 -2.46
C PHE B 321 26.41 11.56 -3.33
N VAL B 322 25.17 11.04 -3.36
CA VAL B 322 24.04 11.60 -4.11
C VAL B 322 23.76 13.03 -3.57
N CYS B 323 23.81 13.21 -2.24
CA CYS B 323 23.61 14.49 -1.56
C CYS B 323 24.71 15.49 -1.89
N LEU B 324 25.96 15.01 -2.07
CA LEU B 324 27.10 15.84 -2.42
C LEU B 324 26.96 16.36 -3.86
N CYS B 325 26.52 15.48 -4.79
CA CYS B 325 26.29 15.81 -6.19
C CYS B 325 25.10 16.76 -6.35
N LEU B 326 24.08 16.60 -5.47
CA LEU B 326 22.88 17.44 -5.44
C LEU B 326 23.24 18.84 -4.94
N TYR B 327 24.19 18.94 -3.97
CA TYR B 327 24.69 20.20 -3.44
C TYR B 327 25.56 20.90 -4.48
N PHE B 328 26.40 20.12 -5.20
CA PHE B 328 27.28 20.61 -6.26
C PHE B 328 26.46 21.14 -7.44
N SER B 329 25.29 20.53 -7.71
CA SER B 329 24.35 20.95 -8.76
C SER B 329 23.81 22.34 -8.47
N LEU B 330 23.49 22.61 -7.19
CA LEU B 330 23.01 23.91 -6.72
C LEU B 330 24.14 24.94 -6.75
N TYR B 331 25.39 24.49 -6.48
CA TYR B 331 26.59 25.34 -6.51
C TYR B 331 26.89 25.80 -7.94
N VAL B 332 26.79 24.88 -8.92
CA VAL B 332 27.02 25.14 -10.35
C VAL B 332 25.90 26.07 -10.87
N MET B 333 24.64 25.83 -10.45
CA MET B 333 23.48 26.65 -10.82
C MET B 333 23.67 28.11 -10.39
N MET B 334 24.18 28.32 -9.16
CA MET B 334 24.46 29.63 -8.59
C MET B 334 25.52 30.38 -9.41
N ILE B 335 26.51 29.65 -9.96
CA ILE B 335 27.58 30.19 -10.82
C ILE B 335 26.93 30.73 -12.11
N TYR B 336 25.93 30.00 -12.66
CA TYR B 336 25.20 30.42 -13.86
C TYR B 336 24.40 31.70 -13.60
N PHE B 337 23.70 31.78 -12.44
CA PHE B 337 22.92 32.96 -12.07
C PHE B 337 23.82 34.14 -11.69
N ASP B 338 25.13 33.88 -11.45
CA ASP B 338 26.14 34.90 -11.17
C ASP B 338 26.80 35.30 -12.50
N MET B 339 26.80 34.38 -13.48
CA MET B 339 27.33 34.57 -14.83
C MET B 339 26.37 35.42 -15.65
N GLU B 340 25.05 35.26 -15.41
CA GLU B 340 23.99 36.02 -16.08
C GLU B 340 24.01 37.47 -15.60
N VAL B 341 24.56 37.72 -14.40
CA VAL B 341 24.73 39.06 -13.80
C VAL B 341 25.93 39.74 -14.48
N TRP B 342 27.04 39.00 -14.69
CA TRP B 342 28.27 39.47 -15.35
C TRP B 342 28.00 39.78 -16.83
N ALA B 343 27.12 39.00 -17.48
CA ALA B 343 26.72 39.17 -18.87
C ALA B 343 25.74 40.34 -19.05
N LEU B 344 24.86 40.56 -18.06
CA LEU B 344 23.86 41.64 -18.07
C LEU B 344 24.53 42.98 -17.83
N GLY B 345 25.64 42.97 -17.10
CA GLY B 345 26.43 44.17 -16.80
C GLY B 345 27.29 44.59 -17.96
N LEU B 346 27.83 43.61 -18.72
CA LEU B 346 28.69 43.86 -19.87
C LEU B 346 27.88 44.37 -21.08
N HIS B 347 26.60 44.00 -21.17
CA HIS B 347 25.66 44.44 -22.20
C HIS B 347 25.18 45.85 -21.90
N GLU B 348 24.86 46.09 -20.63
CA GLU B 348 24.31 47.33 -20.15
C GLU B 348 25.36 48.43 -20.00
N ASN B 349 26.55 48.14 -19.40
CA ASN B 349 27.61 49.15 -19.24
C ASN B 349 28.20 49.60 -20.59
N SER B 350 28.15 48.71 -21.62
CA SER B 350 28.58 48.98 -22.98
C SER B 350 27.36 49.28 -23.87
N GLY B 351 27.60 49.64 -25.13
CA GLY B 351 26.52 49.97 -26.05
C GLY B 351 26.82 49.66 -27.51
N SER B 352 26.62 48.40 -27.92
CA SER B 352 26.84 47.93 -29.28
C SER B 352 25.93 46.72 -29.61
N GLU B 353 26.28 45.94 -30.65
CA GLU B 353 25.53 44.75 -31.11
C GLU B 353 26.17 43.45 -30.59
N TRP B 354 27.52 43.40 -30.50
CA TRP B 354 28.32 42.28 -30.01
C TRP B 354 27.86 41.79 -28.61
N THR B 355 27.24 42.70 -27.84
CA THR B 355 26.71 42.49 -26.49
C THR B 355 25.48 41.56 -26.49
N SER B 356 24.62 41.64 -27.53
CA SER B 356 23.42 40.83 -27.70
C SER B 356 23.78 39.32 -27.87
N VAL B 357 24.99 39.03 -28.38
CA VAL B 357 25.51 37.67 -28.58
C VAL B 357 26.01 37.14 -27.22
N LEU B 358 26.67 38.00 -26.43
CA LEU B 358 27.23 37.72 -25.11
C LEU B 358 26.15 37.33 -24.08
N LEU B 359 24.87 37.70 -24.31
CA LEU B 359 23.76 37.38 -23.42
C LEU B 359 23.36 35.89 -23.50
N TYR B 360 23.54 35.25 -24.67
CA TYR B 360 23.23 33.83 -24.89
C TYR B 360 24.31 32.91 -24.32
N VAL B 361 25.57 33.39 -24.32
CA VAL B 361 26.80 32.71 -23.89
C VAL B 361 26.67 31.99 -22.50
N PRO B 362 26.17 32.61 -21.38
CA PRO B 362 26.11 31.85 -20.10
C PRO B 362 25.11 30.68 -20.11
N SER B 363 24.01 30.82 -20.87
CA SER B 363 22.99 29.78 -21.02
C SER B 363 23.55 28.59 -21.81
N ILE B 364 24.42 28.88 -22.81
CA ILE B 364 25.10 27.87 -23.64
C ILE B 364 26.13 27.11 -22.80
N ILE B 365 26.96 27.84 -22.01
CA ILE B 365 27.99 27.26 -21.13
C ILE B 365 27.35 26.32 -20.07
N TYR B 366 26.32 26.81 -19.33
CA TYR B 366 25.63 26.06 -18.28
C TYR B 366 25.00 24.77 -18.82
N ALA B 367 24.35 24.83 -20.00
CA ALA B 367 23.71 23.67 -20.65
C ALA B 367 24.75 22.61 -21.03
N ILE B 368 25.98 23.03 -21.41
CA ILE B 368 27.10 22.15 -21.77
C ILE B 368 27.63 21.48 -20.49
N VAL B 369 27.84 22.27 -19.41
CA VAL B 369 28.31 21.80 -18.09
C VAL B 369 27.32 20.76 -17.53
N ILE B 370 26.00 20.99 -17.70
CA ILE B 370 24.92 20.09 -17.27
C ILE B 370 25.08 18.72 -17.94
N GLU B 371 25.37 18.71 -19.27
CA GLU B 371 25.56 17.49 -20.06
C GLU B 371 26.82 16.73 -19.59
N ILE B 372 27.90 17.46 -19.24
CA ILE B 372 29.16 16.89 -18.72
C ILE B 372 28.88 16.26 -17.35
N MET B 373 28.07 16.94 -16.52
CA MET B 373 27.66 16.50 -15.19
C MET B 373 26.76 15.27 -15.23
N ASN B 374 25.77 15.26 -16.16
CA ASN B 374 24.81 14.16 -16.30
C ASN B 374 25.48 12.89 -16.79
N ARG B 375 26.47 12.98 -17.71
CA ARG B 375 27.19 11.79 -18.23
C ARG B 375 28.14 11.22 -17.17
N LEU B 376 28.79 12.10 -16.37
CA LEU B 376 29.71 11.70 -15.31
C LEU B 376 28.99 11.11 -14.10
N TYR B 377 27.86 11.72 -13.67
CA TYR B 377 27.07 11.24 -12.54
C TYR B 377 26.45 9.88 -12.85
N ARG B 378 26.02 9.65 -14.11
CA ARG B 378 25.42 8.38 -14.53
C ARG B 378 26.42 7.22 -14.45
N TYR B 379 27.72 7.49 -14.73
CA TYR B 379 28.76 6.47 -14.61
C TYR B 379 28.99 6.12 -13.14
N ALA B 380 28.98 7.14 -12.27
CA ALA B 380 29.15 7.00 -10.82
C ALA B 380 27.94 6.31 -10.18
N ALA B 381 26.72 6.60 -10.69
CA ALA B 381 25.48 6.00 -10.21
C ALA B 381 25.39 4.54 -10.62
N GLU B 382 25.76 4.22 -11.88
CA GLU B 382 25.78 2.85 -12.43
C GLU B 382 26.79 1.98 -11.66
N PHE B 383 27.92 2.59 -11.23
CA PHE B 383 28.95 1.91 -10.47
C PHE B 383 28.47 1.59 -9.04
N LEU B 384 27.91 2.61 -8.34
CA LEU B 384 27.44 2.48 -6.96
C LEU B 384 26.26 1.53 -6.83
N THR B 385 25.30 1.53 -7.80
CA THR B 385 24.13 0.63 -7.75
C THR B 385 24.60 -0.82 -7.97
N SER B 386 25.64 -1.02 -8.80
CA SER B 386 26.24 -2.32 -9.05
C SER B 386 27.01 -2.78 -7.81
N TRP B 387 27.73 -1.84 -7.18
CA TRP B 387 28.53 -2.07 -5.96
C TRP B 387 27.63 -2.38 -4.76
N GLU B 388 26.43 -1.75 -4.67
CA GLU B 388 25.42 -1.97 -3.62
C GLU B 388 25.04 -3.45 -3.51
N ASN B 389 25.15 -4.16 -4.66
CA ASN B 389 24.93 -5.59 -4.87
C ASN B 389 23.47 -5.98 -4.62
N HIS B 390 22.59 -5.58 -5.54
CA HIS B 390 21.16 -5.90 -5.50
C HIS B 390 20.93 -7.30 -6.04
N ARG B 391 20.01 -8.05 -5.42
CA ARG B 391 19.73 -9.43 -5.82
C ARG B 391 18.92 -9.51 -7.12
N LEU B 392 17.85 -8.73 -7.25
CA LEU B 392 17.01 -8.76 -8.45
C LEU B 392 17.29 -7.58 -9.36
N GLU B 393 17.11 -7.78 -10.69
CA GLU B 393 17.30 -6.76 -11.73
C GLU B 393 16.35 -5.57 -11.49
N SER B 394 15.11 -5.86 -11.06
CA SER B 394 14.07 -4.86 -10.75
C SER B 394 14.55 -3.91 -9.65
N ALA B 395 15.19 -4.45 -8.59
CA ALA B 395 15.74 -3.67 -7.48
C ALA B 395 16.88 -2.79 -7.96
N TYR B 396 17.82 -3.34 -8.77
CA TYR B 396 18.94 -2.59 -9.36
C TYR B 396 18.42 -1.42 -10.20
N GLN B 397 17.38 -1.67 -11.03
CA GLN B 397 16.77 -0.67 -11.90
C GLN B 397 16.10 0.44 -11.07
N ASN B 398 15.24 0.10 -10.09
CA ASN B 398 14.53 1.06 -9.23
C ASN B 398 15.49 1.98 -8.47
N HIS B 399 16.61 1.42 -7.94
CA HIS B 399 17.62 2.19 -7.20
C HIS B 399 18.43 3.07 -8.14
N LEU B 400 18.80 2.57 -9.33
CA LEU B 400 19.55 3.33 -10.34
C LEU B 400 18.70 4.48 -10.89
N ILE B 401 17.41 4.22 -11.21
CA ILE B 401 16.47 5.23 -11.71
C ILE B 401 16.36 6.35 -10.67
N LEU B 402 16.10 6.00 -9.40
CA LEU B 402 15.94 6.93 -8.29
C LEU B 402 17.17 7.85 -8.10
N LYS B 403 18.41 7.33 -8.25
CA LYS B 403 19.65 8.10 -8.11
C LYS B 403 19.83 9.12 -9.23
N VAL B 404 19.74 8.67 -10.48
CA VAL B 404 19.91 9.49 -11.69
C VAL B 404 18.75 10.51 -11.80
N LEU B 405 17.51 10.11 -11.44
CA LEU B 405 16.32 10.95 -11.52
C LEU B 405 16.38 12.17 -10.60
N VAL B 406 16.75 12.02 -9.31
CA VAL B 406 16.82 13.14 -8.36
C VAL B 406 17.85 14.19 -8.83
N PHE B 407 18.95 13.72 -9.47
CA PHE B 407 20.00 14.58 -10.02
C PHE B 407 19.49 15.31 -11.26
N ASN B 408 18.89 14.57 -12.22
CA ASN B 408 18.34 15.11 -13.46
C ASN B 408 17.19 16.09 -13.19
N PHE B 409 16.34 15.79 -12.18
CA PHE B 409 15.22 16.65 -11.78
C PHE B 409 15.76 17.96 -11.20
N LEU B 410 16.73 17.88 -10.27
CA LEU B 410 17.32 19.05 -9.63
C LEU B 410 17.99 19.97 -10.66
N ASN B 411 18.85 19.44 -11.56
CA ASN B 411 19.52 20.25 -12.57
C ASN B 411 18.53 20.95 -13.52
N CYS B 412 17.39 20.31 -13.79
CA CYS B 412 16.37 20.83 -14.67
C CYS B 412 15.44 21.84 -13.98
N PHE B 413 15.00 21.56 -12.74
CA PHE B 413 14.02 22.38 -12.05
C PHE B 413 14.60 23.38 -11.03
N ALA B 414 15.81 23.17 -10.45
CA ALA B 414 16.40 24.11 -9.48
C ALA B 414 16.51 25.52 -10.04
N SER B 415 16.93 25.65 -11.33
CA SER B 415 17.03 26.94 -12.03
C SER B 415 15.64 27.55 -12.23
N LEU B 416 14.63 26.70 -12.58
CA LEU B 416 13.24 27.08 -12.80
C LEU B 416 12.60 27.58 -11.50
N PHE B 417 12.87 26.90 -10.37
CA PHE B 417 12.38 27.27 -9.04
C PHE B 417 13.03 28.57 -8.57
N TYR B 418 14.33 28.77 -8.92
CA TYR B 418 15.12 29.97 -8.57
C TYR B 418 14.52 31.21 -9.24
N ILE B 419 14.17 31.11 -10.54
CA ILE B 419 13.59 32.21 -11.31
C ILE B 419 12.18 32.53 -10.76
N ALA B 420 11.38 31.48 -10.48
CA ALA B 420 10.00 31.59 -10.01
C ALA B 420 9.84 32.09 -8.56
N PHE B 421 10.64 31.58 -7.61
CA PHE B 421 10.43 31.93 -6.19
C PHE B 421 11.58 32.77 -5.55
N VAL B 422 12.81 32.77 -6.12
CA VAL B 422 13.90 33.61 -5.58
C VAL B 422 13.89 34.94 -6.36
N LEU B 423 14.02 34.86 -7.70
CA LEU B 423 14.02 36.04 -8.57
C LEU B 423 12.60 36.61 -8.75
N LYS B 424 11.56 35.73 -8.66
CA LYS B 424 10.13 36.03 -8.83
C LYS B 424 9.86 36.74 -10.18
N ASP B 425 10.62 36.35 -11.22
CA ASP B 425 10.56 36.91 -12.58
C ASP B 425 9.78 35.96 -13.49
N MET B 426 8.47 36.20 -13.64
CA MET B 426 7.57 35.37 -14.44
C MET B 426 7.84 35.51 -15.95
N LYS B 427 8.39 36.66 -16.39
CA LYS B 427 8.75 36.90 -17.80
C LYS B 427 9.91 36.00 -18.21
N LEU B 428 10.92 35.88 -17.31
CA LEU B 428 12.10 35.03 -17.50
C LEU B 428 11.71 33.55 -17.40
N LEU B 429 10.78 33.20 -16.46
CA LEU B 429 10.30 31.84 -16.27
C LEU B 429 9.57 31.35 -17.52
N ARG B 430 8.72 32.20 -18.12
CA ARG B 430 7.98 31.89 -19.35
C ARG B 430 8.96 31.61 -20.50
N GLN B 431 9.98 32.48 -20.67
CA GLN B 431 11.03 32.35 -21.68
C GLN B 431 11.87 31.08 -21.44
N SER B 432 12.10 30.70 -20.15
CA SER B 432 12.84 29.50 -19.77
C SER B 432 12.07 28.23 -20.15
N LEU B 433 10.76 28.20 -19.86
CA LEU B 433 9.86 27.08 -20.17
C LEU B 433 9.65 26.97 -21.68
N ALA B 434 9.60 28.11 -22.40
CA ALA B 434 9.43 28.17 -23.85
C ALA B 434 10.61 27.50 -24.57
N THR B 435 11.85 27.71 -24.06
CA THR B 435 13.06 27.11 -24.61
C THR B 435 13.02 25.59 -24.39
N LEU B 436 12.66 25.17 -23.16
CA LEU B 436 12.56 23.77 -22.76
C LEU B 436 11.50 23.00 -23.54
N LEU B 437 10.33 23.61 -23.76
CA LEU B 437 9.19 22.98 -24.43
C LEU B 437 9.21 23.08 -25.96
N ILE B 438 9.93 24.06 -26.55
CA ILE B 438 9.96 24.19 -28.01
C ILE B 438 11.36 23.82 -28.55
N THR B 439 12.34 24.75 -28.50
CA THR B 439 13.71 24.60 -29.02
C THR B 439 14.41 23.32 -28.51
N SER B 440 14.39 23.09 -27.18
CA SER B 440 15.05 21.93 -26.57
C SER B 440 14.43 20.60 -27.02
N GLN B 441 13.09 20.54 -27.17
CA GLN B 441 12.39 19.32 -27.60
C GLN B 441 12.62 19.03 -29.09
N ILE B 442 12.81 20.08 -29.94
CA ILE B 442 13.10 19.92 -31.38
C ILE B 442 14.52 19.32 -31.53
N LEU B 443 15.49 19.91 -30.82
CA LEU B 443 16.90 19.48 -30.80
C LEU B 443 17.03 18.07 -30.22
N ASN B 444 16.21 17.75 -29.20
CA ASN B 444 16.19 16.44 -28.55
C ASN B 444 15.81 15.35 -29.56
N GLN B 445 14.76 15.57 -30.37
CA GLN B 445 14.28 14.62 -31.38
C GLN B 445 15.33 14.33 -32.45
N ILE B 446 16.12 15.35 -32.84
CA ILE B 446 17.19 15.23 -33.83
C ILE B 446 18.31 14.33 -33.24
N MET B 447 18.73 14.61 -31.99
CA MET B 447 19.77 13.85 -31.30
C MET B 447 19.33 12.45 -30.90
N GLU B 448 18.04 12.27 -30.55
CA GLU B 448 17.46 11.02 -30.07
C GLU B 448 17.30 9.97 -31.16
N SER B 449 16.69 10.32 -32.32
CA SER B 449 16.44 9.32 -33.36
C SER B 449 16.78 9.75 -34.79
N PHE B 450 16.46 10.99 -35.20
CA PHE B 450 16.66 11.47 -36.57
C PHE B 450 18.13 11.43 -37.02
N LEU B 451 19.06 11.94 -36.20
CA LEU B 451 20.49 11.90 -36.52
C LEU B 451 21.03 10.45 -36.38
N PRO B 452 20.78 9.70 -35.27
CA PRO B 452 21.27 8.31 -35.20
C PRO B 452 20.73 7.40 -36.30
N TYR B 453 19.49 7.65 -36.82
CA TYR B 453 18.91 6.88 -37.92
C TYR B 453 19.68 7.13 -39.21
N TRP B 454 19.98 8.43 -39.51
CA TRP B 454 20.75 8.87 -40.68
C TRP B 454 22.10 8.14 -40.69
N LEU B 455 22.80 8.12 -39.52
CA LEU B 455 24.10 7.48 -39.35
C LEU B 455 24.01 5.96 -39.45
N GLN B 456 22.92 5.34 -38.94
CA GLN B 456 22.72 3.89 -38.99
C GLN B 456 22.38 3.44 -40.43
N ARG B 457 21.63 4.27 -41.17
CA ARG B 457 21.27 3.99 -42.57
C ARG B 457 22.54 3.98 -43.45
N LYS B 458 23.48 4.92 -43.18
CA LYS B 458 24.76 5.06 -43.86
C LYS B 458 25.64 3.80 -43.62
N HIS B 459 25.62 3.28 -42.38
CA HIS B 459 26.36 2.07 -41.99
C HIS B 459 25.71 0.84 -42.65
N GLY B 460 24.39 0.88 -42.79
CA GLY B 460 23.60 -0.17 -43.43
C GLY B 460 24.00 -0.43 -44.87
N VAL B 461 24.21 0.66 -45.65
CA VAL B 461 24.64 0.63 -47.06
C VAL B 461 26.08 0.05 -47.12
N ARG B 462 26.96 0.52 -46.20
CA ARG B 462 28.36 0.09 -46.09
C ARG B 462 28.47 -1.43 -45.84
N VAL B 463 27.59 -1.99 -44.98
CA VAL B 463 27.57 -3.43 -44.65
C VAL B 463 27.06 -4.24 -45.86
N LYS B 464 25.95 -3.81 -46.51
CA LYS B 464 25.34 -4.46 -47.68
C LYS B 464 26.33 -4.55 -48.85
N ARG B 465 27.18 -3.51 -49.03
CA ARG B 465 28.20 -3.47 -50.07
C ARG B 465 29.34 -4.45 -49.76
N LYS B 466 29.71 -4.59 -48.46
CA LYS B 466 30.77 -5.50 -47.99
C LYS B 466 30.41 -6.96 -48.25
N VAL B 467 29.13 -7.33 -48.06
CA VAL B 467 28.58 -8.67 -48.26
C VAL B 467 28.52 -9.01 -49.77
N GLN B 468 28.14 -8.03 -50.61
CA GLN B 468 28.04 -8.18 -52.07
C GLN B 468 29.42 -8.54 -52.68
N ALA B 469 30.49 -8.00 -52.07
CA ALA B 469 31.88 -8.18 -52.49
C ALA B 469 32.46 -9.55 -52.13
N LEU B 470 31.81 -10.29 -51.20
CA LEU B 470 32.29 -11.58 -50.72
C LEU B 470 32.40 -12.66 -51.81
N LYS B 471 31.29 -12.93 -52.55
CA LYS B 471 31.19 -13.95 -53.60
C LYS B 471 31.60 -15.32 -53.05
N ALA B 472 30.81 -15.82 -52.09
CA ALA B 472 31.02 -17.09 -51.42
C ALA B 472 30.10 -18.16 -51.99
N ASP B 473 30.42 -19.44 -51.70
CA ASP B 473 29.63 -20.61 -52.10
C ASP B 473 28.48 -20.85 -51.09
N ILE B 474 28.28 -19.89 -50.17
CA ILE B 474 27.26 -19.92 -49.12
C ILE B 474 26.43 -18.63 -49.12
N ASP B 475 25.21 -18.73 -48.57
CA ASP B 475 24.21 -17.69 -48.41
C ASP B 475 24.58 -16.84 -47.18
N ALA B 476 24.99 -15.57 -47.42
CA ALA B 476 25.42 -14.65 -46.36
C ALA B 476 24.31 -13.68 -45.93
N THR B 477 23.05 -14.18 -45.87
CA THR B 477 21.89 -13.38 -45.46
C THR B 477 21.94 -13.17 -43.95
N LEU B 478 22.16 -14.26 -43.19
CA LEU B 478 22.30 -14.26 -41.74
C LEU B 478 23.59 -13.54 -41.32
N TYR B 479 24.67 -13.72 -42.11
CA TYR B 479 25.96 -13.08 -41.88
C TYR B 479 25.80 -11.57 -41.86
N GLU B 480 25.15 -10.99 -42.90
CA GLU B 480 24.87 -9.56 -43.04
C GLU B 480 24.03 -9.06 -41.87
N GLN B 481 23.00 -9.84 -41.48
CA GLN B 481 22.08 -9.53 -40.39
C GLN B 481 22.80 -9.45 -39.05
N VAL B 482 23.77 -10.36 -38.80
CA VAL B 482 24.51 -10.40 -37.54
C VAL B 482 25.54 -9.25 -37.49
N ILE B 483 26.36 -9.06 -38.57
CA ILE B 483 27.38 -8.00 -38.67
C ILE B 483 26.75 -6.61 -38.44
N LEU B 484 25.57 -6.38 -39.04
CA LEU B 484 24.81 -5.13 -38.94
C LEU B 484 24.34 -4.87 -37.51
N GLU B 485 23.57 -5.82 -36.93
CA GLU B 485 23.00 -5.76 -35.58
C GLU B 485 24.06 -5.76 -34.47
N LYS B 486 25.23 -6.40 -34.71
CA LYS B 486 26.36 -6.48 -33.78
C LYS B 486 26.91 -5.07 -33.52
N GLU B 487 27.19 -4.33 -34.60
CA GLU B 487 27.75 -2.98 -34.53
C GLU B 487 26.68 -1.91 -34.31
N MET B 488 25.39 -2.29 -34.27
CA MET B 488 24.26 -1.38 -33.98
C MET B 488 24.33 -0.88 -32.55
N GLY B 489 23.69 0.24 -32.28
CA GLY B 489 23.64 0.83 -30.94
C GLY B 489 22.86 -0.05 -29.98
N THR B 490 23.27 -0.05 -28.70
CA THR B 490 22.59 -0.84 -27.67
C THR B 490 21.59 0.04 -26.97
N TYR B 491 20.34 -0.42 -26.85
CA TYR B 491 19.30 0.33 -26.15
C TYR B 491 19.57 0.24 -24.66
N LEU B 492 19.92 1.41 -24.07
CA LEU B 492 20.31 1.55 -22.66
C LEU B 492 19.16 1.27 -21.68
N GLY B 493 17.93 1.58 -22.07
CA GLY B 493 16.76 1.37 -21.23
C GLY B 493 15.72 2.45 -21.42
N THR B 494 14.53 2.23 -20.82
CA THR B 494 13.39 3.14 -20.93
C THR B 494 13.53 4.43 -20.08
N PHE B 495 14.60 4.56 -19.26
CA PHE B 495 14.82 5.72 -18.39
C PHE B 495 14.75 7.06 -19.15
N ASP B 496 15.62 7.27 -20.16
CA ASP B 496 15.71 8.53 -20.93
C ASP B 496 14.38 8.89 -21.59
N ASP B 497 13.62 7.87 -22.02
CA ASP B 497 12.33 7.98 -22.67
C ASP B 497 11.25 8.43 -21.69
N TYR B 498 11.17 7.80 -20.49
CA TYR B 498 10.22 8.14 -19.43
C TYR B 498 10.52 9.51 -18.82
N LEU B 499 11.82 9.83 -18.64
CA LEU B 499 12.31 11.11 -18.07
C LEU B 499 11.77 12.29 -18.88
N GLU B 500 11.71 12.16 -20.23
CA GLU B 500 11.17 13.16 -21.14
C GLU B 500 9.72 13.52 -20.74
N LEU B 501 8.90 12.49 -20.49
CA LEU B 501 7.50 12.61 -20.09
C LEU B 501 7.37 13.07 -18.64
N PHE B 502 8.35 12.70 -17.77
CA PHE B 502 8.37 13.11 -16.36
C PHE B 502 8.61 14.61 -16.26
N LEU B 503 9.61 15.11 -17.03
CA LEU B 503 9.96 16.54 -17.10
C LEU B 503 8.79 17.31 -17.71
N GLN B 504 8.12 16.71 -18.73
CA GLN B 504 6.92 17.27 -19.37
C GLN B 504 5.83 17.48 -18.33
N PHE B 505 5.55 16.41 -17.53
CA PHE B 505 4.58 16.43 -16.43
C PHE B 505 4.97 17.45 -15.38
N GLY B 506 6.27 17.67 -15.23
CA GLY B 506 6.83 18.65 -14.32
C GLY B 506 6.48 20.08 -14.68
N TYR B 507 6.73 20.47 -15.96
CA TYR B 507 6.42 21.80 -16.48
C TYR B 507 4.92 22.08 -16.49
N VAL B 508 4.12 21.06 -16.80
CA VAL B 508 2.65 21.16 -16.92
C VAL B 508 1.99 21.28 -15.54
N SER B 509 2.16 20.30 -14.63
CA SER B 509 1.49 20.31 -13.32
C SER B 509 1.92 21.46 -12.41
N LEU B 510 3.20 21.89 -12.50
CA LEU B 510 3.77 22.93 -11.64
C LEU B 510 3.48 24.35 -12.14
N PHE B 511 4.00 24.71 -13.33
CA PHE B 511 3.94 26.05 -13.89
C PHE B 511 2.94 26.22 -15.06
N SER B 512 1.73 25.66 -14.95
CA SER B 512 0.70 25.84 -15.99
C SER B 512 0.05 27.22 -15.85
N CYS B 513 0.02 27.76 -14.61
CA CYS B 513 -0.55 29.07 -14.32
C CYS B 513 0.34 30.17 -14.90
N VAL B 514 1.66 29.93 -14.98
CA VAL B 514 2.62 30.88 -15.52
C VAL B 514 2.67 30.71 -17.06
N TYR B 515 2.87 29.46 -17.54
CA TYR B 515 2.94 29.09 -18.96
C TYR B 515 1.73 28.22 -19.33
N PRO B 516 0.61 28.84 -19.79
CA PRO B 516 -0.60 28.04 -20.08
C PRO B 516 -0.49 27.09 -21.28
N LEU B 517 0.46 27.33 -22.20
CA LEU B 517 0.65 26.49 -23.38
C LEU B 517 1.58 25.29 -23.10
N ALA B 518 1.96 25.07 -21.82
CA ALA B 518 2.85 23.98 -21.39
C ALA B 518 2.35 22.63 -21.88
N ALA B 519 1.05 22.33 -21.65
CA ALA B 519 0.42 21.08 -22.07
C ALA B 519 0.20 21.03 -23.58
N ALA B 520 -0.03 22.19 -24.23
CA ALA B 520 -0.23 22.27 -25.68
C ALA B 520 1.02 21.83 -26.44
N PHE B 521 2.22 22.31 -26.03
CA PHE B 521 3.48 21.93 -26.66
C PHE B 521 3.92 20.53 -26.27
N ALA B 522 3.47 20.06 -25.09
CA ALA B 522 3.77 18.70 -24.60
C ALA B 522 3.07 17.67 -25.49
N VAL B 523 1.78 17.90 -25.82
CA VAL B 523 0.97 17.02 -26.70
C VAL B 523 1.55 17.04 -28.12
N LEU B 524 1.95 18.23 -28.62
CA LEU B 524 2.53 18.40 -29.95
C LEU B 524 3.83 17.62 -30.11
N ASN B 525 4.72 17.65 -29.08
CA ASN B 525 5.97 16.89 -29.10
C ASN B 525 5.70 15.40 -29.06
N ASN B 526 4.75 14.99 -28.19
CA ASN B 526 4.35 13.60 -28.00
C ASN B 526 3.69 13.01 -29.25
N PHE B 527 3.11 13.87 -30.13
CA PHE B 527 2.50 13.46 -31.40
C PHE B 527 3.55 12.95 -32.38
N THR B 528 4.79 13.47 -32.26
CA THR B 528 5.93 13.08 -33.09
C THR B 528 6.85 12.12 -32.32
N GLU B 529 6.81 12.16 -30.96
CA GLU B 529 7.61 11.32 -30.06
C GLU B 529 7.30 9.84 -30.30
N VAL B 530 6.02 9.50 -30.53
CA VAL B 530 5.55 8.13 -30.81
C VAL B 530 6.24 7.59 -32.08
N ASN B 531 6.29 8.38 -33.16
CA ASN B 531 6.90 8.00 -34.44
C ASN B 531 8.43 8.03 -34.35
N SER B 532 8.99 9.02 -33.61
CA SER B 532 10.42 9.19 -33.40
C SER B 532 11.01 8.04 -32.58
N ASP B 533 10.33 7.65 -31.48
CA ASP B 533 10.77 6.54 -30.63
C ASP B 533 10.51 5.18 -31.30
N ALA B 534 9.54 5.10 -32.23
CA ALA B 534 9.25 3.87 -32.97
C ALA B 534 10.38 3.59 -33.96
N LEU B 535 10.84 4.63 -34.69
CA LEU B 535 11.94 4.60 -35.66
C LEU B 535 13.25 4.23 -34.95
N LYS B 536 13.41 4.75 -33.73
CA LYS B 536 14.53 4.57 -32.80
C LYS B 536 14.66 3.10 -32.39
N MET B 537 13.52 2.46 -32.07
CA MET B 537 13.46 1.06 -31.63
C MET B 537 13.52 0.06 -32.78
N CYS B 538 13.11 0.49 -33.98
CA CYS B 538 13.08 -0.38 -35.16
C CYS B 538 14.35 -0.30 -36.00
N ARG B 539 14.76 0.91 -36.40
CA ARG B 539 15.86 1.09 -37.33
C ARG B 539 17.14 1.73 -36.76
N VAL B 540 17.24 1.93 -35.43
CA VAL B 540 18.45 2.55 -34.85
C VAL B 540 19.17 1.53 -33.95
N PHE B 541 18.53 1.10 -32.85
CA PHE B 541 19.11 0.16 -31.90
C PHE B 541 18.86 -1.28 -32.28
N LYS B 542 19.76 -2.18 -31.81
CA LYS B 542 19.62 -3.62 -31.98
C LYS B 542 18.55 -4.10 -31.00
N ARG B 543 17.88 -5.23 -31.32
CA ARG B 543 16.80 -5.79 -30.51
C ARG B 543 17.16 -5.86 -29.01
N PRO B 544 16.42 -5.15 -28.14
CA PRO B 544 16.73 -5.24 -26.70
C PRO B 544 16.05 -6.45 -26.07
N PHE B 545 16.73 -7.10 -25.09
CA PHE B 545 16.18 -8.27 -24.39
C PHE B 545 14.91 -7.88 -23.63
N SER B 546 13.82 -8.63 -23.85
CA SER B 546 12.52 -8.39 -23.22
C SER B 546 12.59 -8.60 -21.72
N GLU B 547 11.88 -7.75 -20.96
CA GLU B 547 11.80 -7.85 -19.51
C GLU B 547 10.33 -7.85 -19.10
N PRO B 548 9.84 -8.94 -18.45
CA PRO B 548 8.41 -8.98 -18.10
C PRO B 548 8.06 -8.02 -16.95
N SER B 549 7.77 -6.76 -17.31
CA SER B 549 7.38 -5.71 -16.37
C SER B 549 5.87 -5.72 -16.18
N ALA B 550 5.42 -5.52 -14.92
CA ALA B 550 4.00 -5.51 -14.55
C ALA B 550 3.48 -4.09 -14.23
N ASN B 551 4.39 -3.09 -14.27
CA ASN B 551 4.11 -1.68 -13.98
C ASN B 551 5.25 -0.78 -14.51
N ILE B 552 5.11 0.55 -14.31
CA ILE B 552 6.14 1.52 -14.73
C ILE B 552 7.26 1.62 -13.64
N GLY B 553 7.19 0.78 -12.62
CA GLY B 553 8.18 0.70 -11.54
C GLY B 553 8.18 1.89 -10.59
N VAL B 554 9.38 2.40 -10.28
CA VAL B 554 9.61 3.53 -9.37
C VAL B 554 9.12 4.87 -10.01
N TRP B 555 8.77 4.87 -11.32
CA TRP B 555 8.26 6.04 -12.03
C TRP B 555 6.92 6.50 -11.49
N GLN B 556 6.10 5.56 -10.95
CA GLN B 556 4.79 5.86 -10.36
C GLN B 556 4.98 6.77 -9.13
N LEU B 557 5.99 6.45 -8.29
CA LEU B 557 6.34 7.23 -7.10
C LEU B 557 6.86 8.62 -7.51
N ALA B 558 7.69 8.67 -8.56
CA ALA B 558 8.29 9.88 -9.12
C ALA B 558 7.21 10.85 -9.61
N PHE B 559 6.26 10.35 -10.43
CA PHE B 559 5.15 11.12 -10.98
C PHE B 559 4.18 11.57 -9.89
N GLU B 560 3.94 10.72 -8.86
CA GLU B 560 3.06 11.03 -7.73
C GLU B 560 3.69 12.11 -6.83
N THR B 561 5.03 12.10 -6.69
CA THR B 561 5.76 13.10 -5.90
C THR B 561 5.67 14.45 -6.61
N MET B 562 5.73 14.44 -7.96
CA MET B 562 5.62 15.63 -8.81
C MET B 562 4.24 16.27 -8.64
N SER B 563 3.17 15.43 -8.53
CA SER B 563 1.80 15.91 -8.34
C SER B 563 1.59 16.45 -6.90
N VAL B 564 2.44 16.01 -5.94
CA VAL B 564 2.39 16.48 -4.55
C VAL B 564 3.10 17.85 -4.49
N ILE B 565 4.25 17.99 -5.21
CA ILE B 565 5.03 19.22 -5.32
C ILE B 565 4.17 20.31 -6.00
N SER B 566 3.34 19.92 -7.01
CA SER B 566 2.46 20.83 -7.75
C SER B 566 1.43 21.55 -6.86
N VAL B 567 1.08 20.98 -5.69
CA VAL B 567 0.15 21.60 -4.73
C VAL B 567 0.85 22.79 -4.09
N VAL B 568 2.10 22.60 -3.66
CA VAL B 568 2.94 23.61 -3.03
C VAL B 568 3.23 24.73 -4.04
N THR B 569 3.60 24.37 -5.29
CA THR B 569 3.92 25.29 -6.40
C THR B 569 2.73 26.18 -6.76
N ASN B 570 1.56 25.59 -7.11
CA ASN B 570 0.36 26.31 -7.51
C ASN B 570 -0.16 27.23 -6.40
N CYS B 571 -0.09 26.79 -5.13
CA CYS B 571 -0.54 27.60 -3.98
C CYS B 571 0.39 28.80 -3.75
N ALA B 572 1.71 28.59 -3.94
CA ALA B 572 2.72 29.63 -3.78
C ALA B 572 2.59 30.68 -4.89
N LEU B 573 2.53 30.25 -6.17
CA LEU B 573 2.41 31.13 -7.33
C LEU B 573 1.14 31.99 -7.29
N ILE B 574 0.01 31.43 -6.79
CA ILE B 574 -1.25 32.16 -6.67
C ILE B 574 -1.13 33.18 -5.52
N GLY B 575 -0.61 32.74 -4.38
CA GLY B 575 -0.38 33.58 -3.21
C GLY B 575 0.58 34.74 -3.46
N MET B 576 1.52 34.52 -4.40
CA MET B 576 2.54 35.49 -4.82
C MET B 576 2.00 36.53 -5.80
N SER B 577 0.98 36.17 -6.61
CA SER B 577 0.39 37.04 -7.65
C SER B 577 -0.05 38.39 -7.09
N PRO B 578 0.20 39.51 -7.83
CA PRO B 578 -0.19 40.85 -7.33
C PRO B 578 -1.70 41.05 -7.14
N GLN B 579 -2.55 40.21 -7.80
CA GLN B 579 -4.01 40.26 -7.70
C GLN B 579 -4.45 39.89 -6.28
N VAL B 580 -3.81 38.85 -5.69
CA VAL B 580 -4.08 38.35 -4.35
C VAL B 580 -3.45 39.30 -3.33
N ASN B 581 -2.23 39.81 -3.61
CA ASN B 581 -1.51 40.75 -2.75
C ASN B 581 -2.19 42.13 -2.69
N ALA B 582 -3.09 42.43 -3.65
CA ALA B 582 -3.86 43.67 -3.69
C ALA B 582 -4.93 43.66 -2.59
N VAL B 583 -5.46 42.46 -2.26
CA VAL B 583 -6.48 42.22 -1.23
C VAL B 583 -5.84 42.32 0.16
N PHE B 584 -4.55 41.92 0.28
CA PHE B 584 -3.78 41.96 1.53
C PHE B 584 -2.61 42.97 1.40
N PRO B 585 -2.87 44.30 1.58
CA PRO B 585 -1.78 45.27 1.43
C PRO B 585 -0.83 45.32 2.64
N GLU B 586 -1.38 45.27 3.88
CA GLU B 586 -0.60 45.31 5.11
C GLU B 586 -0.49 43.93 5.76
N SER B 587 -1.64 43.24 5.94
CA SER B 587 -1.71 41.91 6.57
C SER B 587 -1.18 40.82 5.61
N LYS B 588 0.16 40.71 5.49
CA LYS B 588 0.81 39.70 4.65
C LYS B 588 0.85 38.36 5.37
N ALA B 589 0.84 38.41 6.73
CA ALA B 589 0.84 37.25 7.62
C ALA B 589 -0.45 36.45 7.46
N ASP B 590 -1.59 37.17 7.39
CA ASP B 590 -2.94 36.61 7.21
C ASP B 590 -3.04 35.87 5.88
N LEU B 591 -2.56 36.51 4.79
CA LEU B 591 -2.54 35.98 3.43
C LEU B 591 -1.84 34.61 3.37
N ILE B 592 -0.62 34.51 3.95
CA ILE B 592 0.17 33.27 4.01
C ILE B 592 -0.61 32.20 4.77
N LEU B 593 -1.20 32.55 5.94
CA LEU B 593 -2.00 31.62 6.74
C LEU B 593 -3.18 31.05 5.95
N ILE B 594 -3.84 31.87 5.10
CA ILE B 594 -4.95 31.45 4.24
C ILE B 594 -4.43 30.45 3.19
N VAL B 595 -3.34 30.82 2.49
CA VAL B 595 -2.68 30.03 1.44
C VAL B 595 -2.27 28.66 2.00
N VAL B 596 -1.57 28.64 3.16
CA VAL B 596 -1.07 27.42 3.83
C VAL B 596 -2.27 26.53 4.22
N ALA B 597 -3.36 27.13 4.74
CA ALA B 597 -4.59 26.40 5.12
C ALA B 597 -5.21 25.71 3.90
N VAL B 598 -5.32 26.45 2.77
CA VAL B 598 -5.86 25.98 1.49
C VAL B 598 -4.97 24.83 0.97
N GLU B 599 -3.63 25.00 1.03
CA GLU B 599 -2.63 24.03 0.61
C GLU B 599 -2.77 22.70 1.40
N HIS B 600 -2.98 22.80 2.72
CA HIS B 600 -3.15 21.65 3.61
C HIS B 600 -4.44 20.91 3.31
N ALA B 601 -5.53 21.66 3.04
CA ALA B 601 -6.85 21.12 2.69
C ALA B 601 -6.79 20.38 1.36
N LEU B 602 -6.09 20.96 0.36
CA LEU B 602 -5.91 20.37 -0.97
C LEU B 602 -5.07 19.10 -0.91
N LEU B 603 -3.97 19.10 -0.13
CA LEU B 603 -3.09 17.94 0.05
C LEU B 603 -3.82 16.76 0.68
N ALA B 604 -4.73 17.05 1.63
CA ALA B 604 -5.54 16.06 2.31
C ALA B 604 -6.56 15.46 1.33
N LEU B 605 -7.25 16.33 0.57
CA LEU B 605 -8.25 15.94 -0.43
C LEU B 605 -7.61 15.15 -1.57
N LYS B 606 -6.35 15.51 -1.95
CA LYS B 606 -5.57 14.84 -2.99
C LYS B 606 -5.26 13.40 -2.58
N PHE B 607 -4.94 13.19 -1.29
CA PHE B 607 -4.63 11.86 -0.77
C PHE B 607 -5.90 11.01 -0.63
N ILE B 608 -7.02 11.63 -0.20
CA ILE B 608 -8.33 10.97 -0.05
C ILE B 608 -8.82 10.48 -1.44
N LEU B 609 -8.73 11.36 -2.48
CA LEU B 609 -9.11 11.07 -3.87
C LEU B 609 -8.30 9.89 -4.42
N ALA B 610 -6.98 9.86 -4.15
CA ALA B 610 -6.08 8.78 -4.57
C ALA B 610 -6.41 7.47 -3.85
N PHE B 611 -6.83 7.57 -2.57
CA PHE B 611 -7.20 6.41 -1.76
C PHE B 611 -8.56 5.85 -2.21
N ALA B 612 -9.51 6.74 -2.55
CA ALA B 612 -10.86 6.40 -3.00
C ALA B 612 -10.85 5.70 -4.35
N ILE B 613 -9.97 6.11 -5.28
CA ILE B 613 -9.86 5.50 -6.60
C ILE B 613 -9.06 4.19 -6.44
N PRO B 614 -9.66 3.02 -6.74
CA PRO B 614 -8.91 1.75 -6.61
C PRO B 614 -7.87 1.62 -7.71
N ASP B 615 -6.64 1.22 -7.34
CA ASP B 615 -5.51 1.06 -8.25
C ASP B 615 -5.74 -0.04 -9.31
N LYS B 616 -6.72 -0.93 -9.09
CA LYS B 616 -7.07 -2.02 -10.01
C LYS B 616 -8.58 -2.05 -10.29
N PRO B 617 -9.04 -2.34 -11.53
CA PRO B 617 -10.49 -2.41 -11.79
C PRO B 617 -11.14 -3.60 -11.08
N ARG B 618 -12.47 -3.52 -10.85
CA ARG B 618 -13.24 -4.55 -10.14
C ARG B 618 -13.06 -5.95 -10.72
N HIS B 619 -13.19 -6.11 -12.06
CA HIS B 619 -13.06 -7.41 -12.72
C HIS B 619 -11.65 -8.02 -12.60
N ILE B 620 -10.58 -7.19 -12.61
CA ILE B 620 -9.20 -7.65 -12.45
C ILE B 620 -8.97 -8.08 -10.99
N GLN B 621 -9.54 -7.31 -10.03
CA GLN B 621 -9.46 -7.60 -8.59
C GLN B 621 -10.09 -8.96 -8.27
N MET B 622 -11.23 -9.28 -8.92
CA MET B 622 -11.95 -10.55 -8.74
C MET B 622 -11.17 -11.71 -9.35
N LYS B 623 -10.59 -11.49 -10.55
CA LYS B 623 -9.78 -12.49 -11.27
C LYS B 623 -8.49 -12.82 -10.48
N LEU B 624 -7.90 -11.80 -9.82
CA LEU B 624 -6.72 -11.94 -8.98
C LEU B 624 -7.07 -12.60 -7.63
N ALA B 625 -8.31 -12.36 -7.14
CA ALA B 625 -8.82 -12.91 -5.88
C ALA B 625 -9.11 -14.41 -6.01
N ARG B 626 -9.79 -14.85 -7.11
CA ARG B 626 -10.11 -16.26 -7.36
C ARG B 626 -8.85 -17.11 -7.50
N LEU B 627 -7.78 -16.52 -8.07
CA LEU B 627 -6.49 -17.18 -8.21
C LEU B 627 -5.78 -17.26 -6.85
N GLU B 628 -5.97 -16.24 -5.98
CA GLU B 628 -5.40 -16.21 -4.64
C GLU B 628 -6.06 -17.30 -3.78
N PHE B 629 -7.39 -17.45 -3.92
CA PHE B 629 -8.21 -18.45 -3.23
C PHE B 629 -7.83 -19.86 -3.66
N GLU B 630 -7.60 -20.06 -4.98
CA GLU B 630 -7.22 -21.33 -5.59
C GLU B 630 -5.88 -21.83 -5.04
N SER B 631 -4.92 -20.91 -4.83
CA SER B 631 -3.58 -21.19 -4.29
C SER B 631 -3.67 -21.73 -2.85
N LEU B 632 -4.60 -21.19 -2.04
CA LEU B 632 -4.82 -21.61 -0.65
C LEU B 632 -5.48 -22.99 -0.60
N GLU B 633 -6.44 -23.24 -1.52
CA GLU B 633 -7.14 -24.53 -1.65
C GLU B 633 -6.18 -25.60 -2.14
N ALA B 634 -5.20 -25.20 -2.98
CA ALA B 634 -4.14 -26.06 -3.52
C ALA B 634 -3.18 -26.48 -2.42
N LEU B 635 -2.80 -25.54 -1.53
CA LEU B 635 -1.89 -25.77 -0.40
C LEU B 635 -2.50 -26.74 0.63
N LYS B 636 -3.83 -26.66 0.84
CA LYS B 636 -4.57 -27.52 1.75
C LYS B 636 -4.61 -28.96 1.19
N GLN B 637 -4.79 -29.09 -0.14
CA GLN B 637 -4.83 -30.38 -0.83
C GLN B 637 -3.44 -31.04 -0.88
N GLN B 638 -2.38 -30.23 -1.11
CA GLN B 638 -0.99 -30.69 -1.21
C GLN B 638 -0.44 -31.18 0.13
N GLN B 639 -0.76 -30.47 1.25
CA GLN B 639 -0.32 -30.88 2.59
C GLN B 639 -1.05 -32.18 2.99
N MET B 640 -2.28 -32.38 2.47
CA MET B 640 -3.11 -33.57 2.66
C MET B 640 -2.59 -34.74 1.84
N LYS B 641 -1.99 -34.45 0.66
CA LYS B 641 -1.42 -35.45 -0.25
C LYS B 641 -0.13 -36.03 0.33
CA CA C . -11.99 4.35 31.61
CA CA D . -12.07 1.12 28.56
CA CA E . 6.32 1.23 8.17
CA CA F . 12.15 13.18 -27.98
CA CA G . 11.67 9.38 -25.94
CA CA H . -5.58 4.37 -5.48
#